data_5Y9H
#
_entry.id   5Y9H
#
_cell.length_a   133.270
_cell.length_b   66.070
_cell.length_c   187.680
_cell.angle_alpha   90.00
_cell.angle_beta   96.22
_cell.angle_gamma   90.00
#
_symmetry.space_group_name_H-M   'C 1 2 1'
#
loop_
_entity.id
_entity.type
_entity.pdbx_description
1 polymer 'SafD,Putative outer membrane protein,Putative outer membrane protein,Putative outer membrane protein'
2 water water
#
_entity_poly.entity_id   1
_entity_poly.type   'polypeptide(L)'
_entity_poly.pdbx_seq_one_letter_code
;MGSSHHHHHHSSGLVPRGSHMAEKLQTTLRVGTYFRAGHVPDGMVLAQGWVTYHGSHSGFRVWSDEQKAGNTPTVLLLSG
QQDPRHHIQVRLEGEGWQPDTVSGRGAILRTAADNASFSVVVDGNQEVPADTWTLDFKACALAQEDTDNKQGSFLPNSEQ
QKSVDIVFSSPQDLTVSLIPVSGLKAGKNAPSAKIAKLVVNSTTLKEFGVRGISNNVVDSTGTAWRVAGKNTGKEIGVGL
SSDSLRRSDSTEKWNGVNWMTFNSNDTLDIVLTGPAQNVTADTYPITLDVVGYQPDNKQGSFLPNSEQQKSVDIVFSSPQ
DLTVSLIPVSGLKAGKNAPSAKIAKLVVNSTTLKEFGVRGISNNVVDSTGTAWRVAGKNTGKEIGVGLSSDSLRRSDSTE
KWNGVNWMTFNSNDTLDIVLTGPAQNVTADTYPITLDVVGYQPDNKQGSFLPNSEQQKSVDIVFSS
;
_entity_poly.pdbx_strand_id   A,B,C
#
# COMPACT_ATOMS: atom_id res chain seq x y z
N MET A 21 -25.01 -49.18 -49.95
CA MET A 21 -24.56 -48.00 -50.69
C MET A 21 -23.91 -46.98 -49.76
N ALA A 22 -24.32 -46.98 -48.49
CA ALA A 22 -23.76 -46.06 -47.48
C ALA A 22 -22.54 -46.72 -46.86
N GLU A 23 -21.37 -46.50 -47.45
CA GLU A 23 -20.09 -46.90 -46.89
C GLU A 23 -19.26 -45.65 -46.70
N LYS A 24 -18.64 -45.50 -45.53
CA LYS A 24 -18.14 -44.20 -45.12
C LYS A 24 -16.73 -44.32 -44.53
N LEU A 25 -16.00 -43.21 -44.68
CA LEU A 25 -14.60 -43.08 -44.28
C LEU A 25 -14.41 -43.16 -42.77
N GLN A 26 -13.22 -43.61 -42.36
CA GLN A 26 -12.85 -43.80 -40.95
C GLN A 26 -11.57 -43.04 -40.64
N THR A 27 -11.68 -41.94 -39.89
CA THR A 27 -10.49 -41.21 -39.46
C THR A 27 -10.16 -41.56 -38.01
N THR A 28 -8.87 -41.52 -37.70
CA THR A 28 -8.40 -41.45 -36.32
C THR A 28 -7.47 -40.26 -36.24
N LEU A 29 -7.53 -39.55 -35.13
CA LEU A 29 -6.89 -38.25 -35.01
C LEU A 29 -6.42 -38.09 -33.57
N ARG A 30 -5.12 -38.10 -33.36
CA ARG A 30 -4.57 -38.02 -32.02
C ARG A 30 -3.84 -36.70 -31.86
N VAL A 31 -4.31 -35.89 -30.90
CA VAL A 31 -3.76 -34.59 -30.62
C VAL A 31 -2.77 -34.69 -29.48
N GLY A 32 -1.91 -33.67 -29.36
CA GLY A 32 -0.99 -33.58 -28.25
C GLY A 32 -1.59 -32.94 -27.01
N THR A 33 -0.98 -33.25 -25.87
CA THR A 33 -1.44 -32.83 -24.55
C THR A 33 -0.46 -31.90 -23.86
N TYR A 34 0.84 -32.16 -23.96
CA TYR A 34 1.85 -31.52 -23.12
C TYR A 34 2.44 -30.26 -23.75
N PHE A 35 1.69 -29.55 -24.58
CA PHE A 35 2.23 -28.39 -25.28
C PHE A 35 2.38 -27.22 -24.33
N ARG A 36 3.59 -26.71 -24.20
CA ARG A 36 3.88 -25.55 -23.37
C ARG A 36 3.82 -24.29 -24.23
N ALA A 37 2.92 -23.38 -23.86
CA ALA A 37 2.86 -22.06 -24.48
C ALA A 37 4.24 -21.42 -24.48
N GLY A 38 4.51 -20.65 -25.54
CA GLY A 38 5.80 -20.03 -25.72
C GLY A 38 6.27 -20.19 -27.15
N HIS A 39 7.56 -20.45 -27.34
CA HIS A 39 8.13 -20.59 -28.68
C HIS A 39 8.04 -22.04 -29.13
N VAL A 40 7.56 -22.23 -30.36
CA VAL A 40 7.45 -23.58 -30.94
C VAL A 40 8.27 -23.61 -32.21
N PRO A 41 9.05 -24.66 -32.46
CA PRO A 41 9.78 -24.74 -33.73
C PRO A 41 8.87 -25.14 -34.88
N ASP A 42 9.09 -24.53 -36.04
CA ASP A 42 8.42 -25.00 -37.23
C ASP A 42 8.73 -26.48 -37.46
N GLY A 43 7.70 -27.24 -37.82
CA GLY A 43 7.83 -28.66 -37.98
C GLY A 43 7.32 -29.45 -36.80
N MET A 44 6.95 -28.78 -35.72
CA MET A 44 6.46 -29.47 -34.53
C MET A 44 5.12 -30.12 -34.83
N VAL A 45 5.05 -31.44 -34.67
CA VAL A 45 3.79 -32.14 -34.88
C VAL A 45 2.82 -31.78 -33.77
N LEU A 46 1.60 -31.44 -34.14
CA LEU A 46 0.52 -31.18 -33.19
C LEU A 46 -0.51 -32.28 -33.15
N ALA A 47 -0.74 -32.95 -34.28
CA ALA A 47 -1.69 -34.04 -34.36
C ALA A 47 -1.20 -35.02 -35.42
N GLN A 48 -1.55 -36.29 -35.23
CA GLN A 48 -1.33 -37.32 -36.23
C GLN A 48 -2.67 -37.96 -36.55
N GLY A 49 -2.89 -38.25 -37.82
CA GLY A 49 -4.17 -38.76 -38.26
C GLY A 49 -3.99 -39.85 -39.28
N TRP A 50 -4.97 -40.75 -39.32
CA TRP A 50 -5.07 -41.76 -40.35
C TRP A 50 -6.50 -41.78 -40.87
N VAL A 51 -6.63 -41.93 -42.18
CA VAL A 51 -7.91 -42.10 -42.84
C VAL A 51 -7.95 -43.50 -43.43
N THR A 52 -9.12 -44.12 -43.39
CA THR A 52 -9.30 -45.47 -43.93
C THR A 52 -10.57 -45.52 -44.74
N TYR A 53 -10.43 -45.79 -46.03
CA TYR A 53 -11.55 -46.00 -46.94
C TYR A 53 -11.33 -47.29 -47.71
N HIS A 54 -12.34 -48.15 -47.73
CA HIS A 54 -12.22 -49.49 -48.31
C HIS A 54 -12.88 -49.62 -49.67
N GLY A 55 -13.84 -48.76 -49.98
CA GLY A 55 -14.47 -48.80 -51.28
C GLY A 55 -13.50 -48.45 -52.38
N SER A 56 -14.02 -48.16 -53.56
CA SER A 56 -13.19 -47.78 -54.69
C SER A 56 -12.85 -46.31 -54.57
N HIS A 57 -11.58 -45.98 -54.78
CA HIS A 57 -11.09 -44.63 -54.59
C HIS A 57 -9.74 -44.49 -55.27
N SER A 58 -9.35 -43.24 -55.47
CA SER A 58 -8.06 -42.90 -56.05
C SER A 58 -7.22 -41.99 -55.17
N GLY A 59 -7.75 -41.51 -54.05
CA GLY A 59 -6.97 -40.71 -53.14
C GLY A 59 -7.77 -40.31 -51.93
N PHE A 60 -7.20 -39.37 -51.18
CA PHE A 60 -7.88 -38.78 -50.03
C PHE A 60 -7.66 -37.27 -50.01
N ARG A 61 -8.61 -36.57 -49.40
CA ARG A 61 -8.57 -35.13 -49.23
C ARG A 61 -9.02 -34.78 -47.83
N VAL A 62 -8.20 -34.01 -47.11
CA VAL A 62 -8.57 -33.49 -45.81
C VAL A 62 -8.43 -31.98 -45.86
N TRP A 63 -9.45 -31.27 -45.37
CA TRP A 63 -9.53 -29.82 -45.53
C TRP A 63 -10.27 -29.25 -44.34
N SER A 64 -10.37 -27.93 -44.30
CA SER A 64 -10.91 -27.23 -43.15
C SER A 64 -11.89 -26.13 -43.54
N ASP A 65 -12.48 -25.54 -42.50
CA ASP A 65 -13.29 -24.33 -42.62
C ASP A 65 -12.58 -23.15 -41.96
N GLU A 66 -11.51 -23.43 -41.22
CA GLU A 66 -10.64 -22.48 -40.55
C GLU A 66 -9.44 -22.05 -41.40
N GLN A 67 -9.52 -22.22 -42.71
CA GLN A 67 -8.39 -22.02 -43.60
C GLN A 67 -7.97 -20.55 -43.67
N LYS A 68 -6.78 -20.32 -44.24
CA LYS A 68 -6.11 -19.02 -44.24
C LYS A 68 -6.40 -18.23 -45.51
N ALA A 69 -5.65 -18.50 -46.58
CA ALA A 69 -5.84 -17.81 -47.85
C ALA A 69 -5.84 -18.81 -49.00
N GLY A 70 -6.74 -18.58 -49.95
CA GLY A 70 -6.92 -19.45 -51.10
C GLY A 70 -5.66 -19.98 -51.79
N ASN A 71 -4.54 -19.28 -51.70
CA ASN A 71 -3.33 -19.75 -52.36
C ASN A 71 -2.42 -20.59 -51.48
N THR A 72 -2.54 -20.52 -50.15
CA THR A 72 -1.87 -21.49 -49.30
C THR A 72 -2.92 -22.46 -48.76
N PRO A 73 -3.35 -23.45 -49.55
CA PRO A 73 -4.51 -24.26 -49.15
C PRO A 73 -4.20 -25.29 -48.07
N THR A 74 -2.94 -25.44 -47.69
CA THR A 74 -2.52 -26.34 -46.64
C THR A 74 -2.48 -25.65 -45.27
N VAL A 75 -2.57 -24.33 -45.23
CA VAL A 75 -2.28 -23.55 -44.03
C VAL A 75 -3.55 -23.11 -43.35
N LEU A 76 -3.54 -23.16 -42.02
CA LEU A 76 -4.70 -22.84 -41.21
C LEU A 76 -4.34 -21.83 -40.13
N LEU A 77 -5.22 -20.86 -39.96
CA LEU A 77 -5.13 -19.92 -38.86
C LEU A 77 -6.24 -20.23 -37.87
N LEU A 78 -5.88 -20.37 -36.60
CA LEU A 78 -6.84 -20.79 -35.59
C LEU A 78 -6.98 -19.71 -34.54
N SER A 79 -8.22 -19.40 -34.20
CA SER A 79 -8.55 -18.43 -33.17
C SER A 79 -8.89 -19.15 -31.88
N GLY A 80 -8.33 -18.67 -30.77
CA GLY A 80 -8.52 -19.33 -29.49
C GLY A 80 -9.90 -19.13 -28.92
N GLN A 81 -10.26 -20.04 -28.01
CA GLN A 81 -11.55 -20.00 -27.33
C GLN A 81 -11.57 -18.92 -26.25
N GLN A 82 -10.62 -19.00 -25.30
CA GLN A 82 -10.63 -18.09 -24.16
C GLN A 82 -10.75 -16.64 -24.62
N ASP A 83 -10.07 -16.30 -25.69
CA ASP A 83 -10.18 -14.99 -26.33
C ASP A 83 -9.91 -15.18 -27.81
N PRO A 84 -10.85 -14.87 -28.71
CA PRO A 84 -10.65 -15.19 -30.13
C PRO A 84 -9.44 -14.51 -30.73
N ARG A 85 -8.87 -13.52 -30.04
CA ARG A 85 -7.75 -12.76 -30.60
C ARG A 85 -6.44 -13.54 -30.55
N HIS A 86 -6.38 -14.65 -29.83
CA HIS A 86 -5.22 -15.52 -29.86
C HIS A 86 -5.19 -16.33 -31.15
N HIS A 87 -3.99 -16.51 -31.70
CA HIS A 87 -3.81 -17.07 -33.04
C HIS A 87 -2.67 -18.09 -33.06
N ILE A 88 -2.95 -19.26 -33.63
CA ILE A 88 -1.93 -20.24 -33.98
C ILE A 88 -2.10 -20.60 -35.45
N GLN A 89 -0.98 -20.75 -36.16
CA GLN A 89 -0.96 -21.11 -37.58
C GLN A 89 -0.35 -22.48 -37.78
N VAL A 90 -1.07 -23.35 -38.48
CA VAL A 90 -0.69 -24.75 -38.68
C VAL A 90 -0.80 -25.08 -40.16
N ARG A 91 -0.31 -26.27 -40.51
CA ARG A 91 -0.32 -26.73 -41.90
C ARG A 91 -0.52 -28.24 -41.94
N LEU A 92 -1.24 -28.70 -42.96
CA LEU A 92 -1.47 -30.12 -43.21
C LEU A 92 -0.30 -30.71 -43.97
N GLU A 93 0.54 -31.49 -43.29
CA GLU A 93 1.62 -32.21 -43.93
C GLU A 93 1.24 -33.67 -44.14
N GLY A 94 2.21 -34.45 -44.56
CA GLY A 94 2.10 -35.89 -44.72
C GLY A 94 2.97 -36.28 -45.89
N GLU A 95 3.57 -37.46 -45.78
CA GLU A 95 4.45 -37.92 -46.84
C GLU A 95 3.59 -38.28 -48.05
N GLY A 96 3.80 -37.58 -49.16
CA GLY A 96 3.00 -37.79 -50.34
C GLY A 96 1.89 -36.79 -50.53
N TRP A 97 1.54 -36.03 -49.49
CA TRP A 97 0.48 -35.05 -49.62
C TRP A 97 1.01 -33.76 -50.21
N GLN A 98 0.32 -33.28 -51.23
CA GLN A 98 0.59 -32.00 -51.85
C GLN A 98 -0.66 -31.15 -51.77
N PRO A 99 -0.54 -29.83 -51.89
CA PRO A 99 -1.71 -28.97 -51.78
C PRO A 99 -2.75 -29.29 -52.85
N ASP A 100 -4.02 -29.01 -52.52
CA ASP A 100 -5.13 -29.18 -53.46
C ASP A 100 -5.31 -27.92 -54.28
N THR A 101 -4.54 -27.78 -55.37
CA THR A 101 -4.67 -26.58 -56.19
C THR A 101 -6.05 -26.47 -56.81
N VAL A 102 -6.70 -27.60 -57.06
CA VAL A 102 -7.98 -27.61 -57.76
C VAL A 102 -9.04 -26.89 -56.92
N SER A 103 -9.12 -27.23 -55.64
CA SER A 103 -10.13 -26.64 -54.77
C SER A 103 -9.69 -25.31 -54.20
N GLY A 104 -8.44 -25.20 -53.78
CA GLY A 104 -7.99 -24.05 -53.03
C GLY A 104 -8.08 -24.26 -51.55
N ARG A 105 -8.52 -25.45 -51.12
CA ARG A 105 -8.75 -25.78 -49.72
C ARG A 105 -8.19 -27.16 -49.48
N GLY A 106 -7.27 -27.31 -48.54
CA GLY A 106 -6.91 -28.64 -48.07
C GLY A 106 -5.71 -29.21 -48.79
N ALA A 107 -5.49 -30.49 -48.54
CA ALA A 107 -4.40 -31.25 -49.13
C ALA A 107 -4.94 -32.54 -49.71
N ILE A 108 -4.24 -33.07 -50.72
CA ILE A 108 -4.67 -34.28 -51.42
C ILE A 108 -3.57 -35.31 -51.34
N LEU A 109 -3.98 -36.56 -51.31
CA LEU A 109 -3.10 -37.72 -51.46
C LEU A 109 -3.62 -38.53 -52.64
N ARG A 110 -2.71 -39.19 -53.35
CA ARG A 110 -3.07 -40.02 -54.49
C ARG A 110 -2.57 -41.42 -54.22
N THR A 111 -3.51 -42.34 -53.99
CA THR A 111 -3.24 -43.77 -53.86
C THR A 111 -4.56 -44.49 -53.73
N ALA A 112 -4.60 -45.73 -54.21
CA ALA A 112 -5.76 -46.58 -54.00
C ALA A 112 -5.60 -47.45 -52.75
N ALA A 113 -4.52 -47.25 -52.01
CA ALA A 113 -4.36 -47.92 -50.72
C ALA A 113 -5.48 -47.49 -49.78
N ASP A 114 -6.06 -48.46 -49.07
CA ASP A 114 -7.20 -48.15 -48.22
C ASP A 114 -6.84 -47.30 -47.01
N ASN A 115 -5.55 -47.09 -46.76
CA ASN A 115 -5.10 -46.50 -45.50
C ASN A 115 -3.95 -45.54 -45.77
N ALA A 116 -4.07 -44.33 -45.23
CA ALA A 116 -3.06 -43.29 -45.42
C ALA A 116 -2.93 -42.45 -44.15
N SER A 117 -1.76 -41.88 -43.97
CA SER A 117 -1.40 -41.12 -42.77
C SER A 117 -1.19 -39.64 -43.09
N PHE A 118 -1.36 -38.81 -42.08
CA PHE A 118 -1.14 -37.37 -42.26
C PHE A 118 -0.95 -36.72 -40.91
N SER A 119 -0.21 -35.62 -40.92
CA SER A 119 0.10 -34.87 -39.70
C SER A 119 -0.37 -33.43 -39.85
N VAL A 120 -0.72 -32.83 -38.72
CA VAL A 120 -0.92 -31.39 -38.59
C VAL A 120 0.23 -30.83 -37.78
N VAL A 121 0.76 -29.69 -38.23
CA VAL A 121 2.05 -29.19 -37.76
C VAL A 121 2.00 -27.67 -37.76
N VAL A 122 2.64 -27.05 -36.75
CA VAL A 122 2.79 -25.60 -36.75
C VAL A 122 3.54 -25.18 -37.99
N ASP A 123 3.08 -24.10 -38.62
CA ASP A 123 3.75 -23.53 -39.78
C ASP A 123 4.44 -22.22 -39.39
N GLY A 124 5.74 -22.13 -39.65
CA GLY A 124 6.52 -21.00 -39.20
C GLY A 124 6.88 -21.12 -37.74
N ASN A 125 8.12 -20.78 -37.38
CA ASN A 125 8.48 -20.64 -35.98
C ASN A 125 7.63 -19.53 -35.36
N GLN A 126 6.78 -19.86 -34.40
CA GLN A 126 5.90 -18.88 -33.79
C GLN A 126 6.05 -18.84 -32.27
N GLU A 127 5.43 -17.80 -31.70
CA GLU A 127 5.12 -17.73 -30.29
C GLU A 127 3.63 -17.97 -30.10
N VAL A 128 3.28 -19.07 -29.44
CA VAL A 128 1.88 -19.47 -29.24
C VAL A 128 1.49 -19.12 -27.80
N PRO A 129 0.42 -18.36 -27.58
CA PRO A 129 0.01 -18.08 -26.20
C PRO A 129 -0.65 -19.28 -25.55
N ALA A 130 -1.21 -19.08 -24.35
CA ALA A 130 -1.88 -20.15 -23.60
C ALA A 130 -3.37 -20.05 -23.85
N ASP A 131 -3.88 -20.93 -24.71
CA ASP A 131 -5.30 -21.01 -25.01
C ASP A 131 -5.59 -22.42 -25.52
N THR A 132 -6.81 -22.62 -26.01
CA THR A 132 -7.19 -23.84 -26.70
C THR A 132 -7.73 -23.46 -28.07
N TRP A 133 -7.25 -24.13 -29.11
CA TRP A 133 -7.70 -23.85 -30.46
C TRP A 133 -8.47 -25.05 -31.00
N THR A 134 -9.71 -24.80 -31.40
CA THR A 134 -10.50 -25.83 -32.04
C THR A 134 -10.05 -25.94 -33.49
N LEU A 135 -9.73 -27.16 -33.91
CA LEU A 135 -9.38 -27.47 -35.28
C LEU A 135 -10.42 -28.47 -35.77
N ASP A 136 -11.52 -27.96 -36.33
CA ASP A 136 -12.48 -28.84 -36.99
C ASP A 136 -12.11 -28.91 -38.45
N PHE A 137 -11.94 -30.13 -38.95
CA PHE A 137 -11.50 -30.34 -40.31
C PHE A 137 -12.35 -31.47 -40.88
N LYS A 138 -12.19 -31.71 -42.17
CA LYS A 138 -13.04 -32.63 -42.91
C LYS A 138 -12.17 -33.54 -43.77
N ALA A 139 -12.60 -34.79 -43.91
CA ALA A 139 -11.87 -35.80 -44.65
C ALA A 139 -12.83 -36.55 -45.57
N CYS A 140 -12.35 -36.90 -46.76
CA CYS A 140 -13.14 -37.66 -47.70
C CYS A 140 -12.22 -38.45 -48.62
N ALA A 141 -12.83 -39.32 -49.42
CA ALA A 141 -12.14 -40.08 -50.44
C ALA A 141 -12.47 -39.51 -51.81
N LEU A 142 -11.62 -39.81 -52.78
CA LEU A 142 -11.87 -39.40 -54.16
C LEU A 142 -12.06 -40.65 -55.01
N ALA A 143 -13.01 -40.58 -55.94
CA ALA A 143 -13.33 -41.75 -56.73
C ALA A 143 -12.36 -41.84 -57.91
N GLN A 144 -12.44 -42.96 -58.64
CA GLN A 144 -11.62 -43.11 -59.83
C GLN A 144 -12.15 -42.28 -60.99
N GLU A 145 -11.25 -41.52 -61.61
CA GLU A 145 -11.52 -40.81 -62.85
C GLU A 145 -12.31 -41.65 -63.86
N PRO A 156 -16.07 -36.37 -52.88
CA PRO A 156 -17.50 -36.06 -52.71
C PRO A 156 -18.29 -37.16 -52.00
N ASN A 157 -17.94 -38.40 -52.32
CA ASN A 157 -18.76 -39.59 -52.05
C ASN A 157 -19.32 -39.61 -50.63
N SER A 158 -18.47 -39.84 -49.64
CA SER A 158 -18.90 -39.88 -48.24
C SER A 158 -17.70 -39.46 -47.40
N GLU A 159 -17.88 -38.37 -46.67
CA GLU A 159 -16.80 -37.69 -45.97
C GLU A 159 -17.00 -37.91 -44.48
N GLN A 160 -16.00 -37.51 -43.71
CA GLN A 160 -16.13 -37.49 -42.26
C GLN A 160 -15.67 -36.15 -41.75
N GLN A 161 -16.28 -35.74 -40.65
CA GLN A 161 -15.99 -34.45 -40.05
C GLN A 161 -15.63 -34.69 -38.60
N LYS A 162 -14.59 -34.01 -38.16
CA LYS A 162 -14.10 -34.11 -36.80
C LYS A 162 -13.69 -32.74 -36.29
N SER A 163 -13.99 -32.50 -35.02
CA SER A 163 -13.49 -31.35 -34.30
C SER A 163 -12.54 -31.89 -33.24
N VAL A 164 -11.53 -31.10 -32.91
CA VAL A 164 -10.57 -31.52 -31.90
C VAL A 164 -9.80 -30.29 -31.46
N ASP A 165 -9.45 -30.26 -30.18
CA ASP A 165 -8.87 -29.06 -29.58
C ASP A 165 -7.38 -29.28 -29.31
N ILE A 166 -6.57 -28.33 -29.78
CA ILE A 166 -5.17 -28.24 -29.37
C ILE A 166 -5.12 -27.33 -28.15
N VAL A 167 -4.35 -27.73 -27.14
CA VAL A 167 -4.22 -26.97 -25.90
C VAL A 167 -2.76 -26.61 -25.69
N PHE A 168 -2.49 -25.33 -25.46
CA PHE A 168 -1.18 -24.84 -25.05
C PHE A 168 -1.29 -24.30 -23.64
N SER A 169 -0.40 -24.76 -22.77
CA SER A 169 -0.52 -24.54 -21.34
C SER A 169 0.75 -23.88 -20.81
N SER A 170 0.58 -23.09 -19.76
CA SER A 170 1.69 -22.39 -19.13
C SER A 170 1.54 -22.48 -17.62
N PRO A 171 2.64 -22.33 -16.87
CA PRO A 171 2.53 -22.38 -15.40
C PRO A 171 1.58 -21.34 -14.81
N GLN A 172 1.31 -20.26 -15.51
CA GLN A 172 0.46 -19.17 -15.02
C GLN A 172 -1.00 -19.31 -15.43
N ASP A 173 -1.38 -20.42 -16.06
CA ASP A 173 -2.74 -20.53 -16.58
C ASP A 173 -3.79 -20.37 -15.50
N LEU A 174 -3.61 -21.02 -14.37
CA LEU A 174 -4.50 -20.80 -13.23
C LEU A 174 -3.68 -20.20 -12.09
N THR A 175 -4.27 -19.19 -11.47
CA THR A 175 -3.67 -18.47 -10.36
C THR A 175 -4.29 -18.99 -9.06
N VAL A 176 -3.44 -19.42 -8.15
CA VAL A 176 -3.84 -20.14 -6.95
C VAL A 176 -3.48 -19.28 -5.75
N SER A 177 -4.21 -19.47 -4.66
CA SER A 177 -3.93 -18.78 -3.40
C SER A 177 -4.40 -19.69 -2.28
N LEU A 178 -3.49 -19.97 -1.35
CA LEU A 178 -3.77 -20.81 -0.19
C LEU A 178 -3.61 -19.93 1.04
N ILE A 179 -4.69 -19.79 1.81
CA ILE A 179 -4.76 -18.81 2.89
C ILE A 179 -4.87 -19.58 4.20
N PRO A 180 -3.95 -19.39 5.14
CA PRO A 180 -4.10 -20.05 6.44
C PRO A 180 -5.08 -19.27 7.29
N VAL A 181 -5.87 -19.99 8.09
CA VAL A 181 -6.86 -19.32 8.92
C VAL A 181 -6.15 -18.68 10.11
N SER A 182 -6.67 -17.53 10.52
CA SER A 182 -6.01 -16.69 11.50
C SER A 182 -6.56 -16.99 12.89
N GLY A 183 -5.67 -17.16 13.86
CA GLY A 183 -6.07 -17.22 15.24
C GLY A 183 -6.63 -18.55 15.71
N LEU A 184 -6.04 -19.65 15.27
CA LEU A 184 -6.41 -20.94 15.82
C LEU A 184 -5.80 -21.12 17.20
N LYS A 185 -6.47 -21.91 18.03
CA LYS A 185 -6.01 -22.16 19.38
C LYS A 185 -5.82 -23.65 19.53
N ALA A 186 -4.84 -24.05 20.35
CA ALA A 186 -4.58 -25.46 20.59
C ALA A 186 -5.66 -26.02 21.52
N GLY A 187 -5.48 -27.26 21.96
CA GLY A 187 -6.53 -27.91 22.71
C GLY A 187 -7.62 -28.40 21.78
N LYS A 188 -8.64 -29.00 22.37
CA LYS A 188 -9.73 -29.56 21.59
C LYS A 188 -10.42 -28.46 20.79
N ASN A 189 -10.53 -28.68 19.48
CA ASN A 189 -11.10 -27.72 18.54
C ASN A 189 -12.52 -28.12 18.15
N ALA A 190 -13.18 -27.24 17.39
CA ALA A 190 -14.51 -27.51 16.92
C ALA A 190 -14.47 -28.61 15.86
N PRO A 191 -15.55 -29.36 15.69
CA PRO A 191 -15.62 -30.32 14.59
C PRO A 191 -15.51 -29.63 13.23
N SER A 192 -14.67 -30.20 12.36
CA SER A 192 -14.53 -29.70 10.99
C SER A 192 -14.06 -28.25 11.00
N ALA A 193 -13.16 -27.92 11.91
CA ALA A 193 -12.68 -26.56 12.00
C ALA A 193 -11.93 -26.17 10.74
N LYS A 194 -12.21 -24.97 10.23
CA LYS A 194 -11.65 -24.53 8.97
C LYS A 194 -10.23 -24.05 9.23
N ILE A 195 -9.25 -24.66 8.57
CA ILE A 195 -7.85 -24.33 8.80
C ILE A 195 -7.15 -23.73 7.59
N ALA A 196 -7.68 -23.87 6.38
CA ALA A 196 -7.14 -23.15 5.23
C ALA A 196 -8.24 -22.94 4.19
N LYS A 197 -7.93 -22.06 3.23
CA LYS A 197 -8.84 -21.76 2.13
C LYS A 197 -8.02 -21.85 0.84
N LEU A 198 -8.39 -22.76 -0.04
CA LEU A 198 -7.76 -22.85 -1.36
C LEU A 198 -8.69 -22.16 -2.37
N VAL A 199 -8.18 -21.12 -3.04
CA VAL A 199 -8.95 -20.46 -4.10
C VAL A 199 -8.17 -20.60 -5.39
N VAL A 200 -8.84 -21.10 -6.42
CA VAL A 200 -8.23 -21.33 -7.72
C VAL A 200 -9.04 -20.57 -8.76
N ASN A 201 -8.36 -19.73 -9.53
CA ASN A 201 -8.99 -18.91 -10.56
C ASN A 201 -8.27 -19.12 -11.88
N SER A 202 -9.02 -19.00 -12.96
CA SER A 202 -8.47 -19.20 -14.29
C SER A 202 -9.44 -18.64 -15.32
N THR A 203 -8.89 -18.09 -16.39
CA THR A 203 -9.69 -17.70 -17.55
C THR A 203 -9.39 -18.56 -18.78
N THR A 204 -8.39 -19.43 -18.70
CA THR A 204 -8.03 -20.34 -19.79
C THR A 204 -8.57 -21.74 -19.56
N LEU A 205 -8.40 -22.28 -18.37
CA LEU A 205 -8.75 -23.65 -18.06
C LEU A 205 -10.10 -23.71 -17.34
N LYS A 206 -10.83 -24.79 -17.61
CA LYS A 206 -12.19 -24.95 -17.12
C LYS A 206 -12.26 -25.66 -15.79
N GLU A 207 -11.23 -26.44 -15.45
CA GLU A 207 -11.29 -27.32 -14.29
C GLU A 207 -9.88 -27.53 -13.77
N PHE A 208 -9.80 -28.02 -12.54
CA PHE A 208 -8.51 -28.34 -11.93
C PHE A 208 -8.72 -29.50 -10.97
N GLY A 209 -7.63 -30.21 -10.70
CA GLY A 209 -7.62 -31.24 -9.69
C GLY A 209 -6.67 -30.85 -8.57
N VAL A 210 -6.84 -31.44 -7.40
CA VAL A 210 -6.02 -31.07 -6.24
C VAL A 210 -5.82 -32.29 -5.37
N ARG A 211 -4.59 -32.47 -4.92
CA ARG A 211 -4.25 -33.50 -3.93
C ARG A 211 -3.33 -32.89 -2.90
N GLY A 212 -3.40 -33.41 -1.69
CA GLY A 212 -2.41 -33.09 -0.70
C GLY A 212 -1.10 -33.81 -0.96
N ILE A 213 -0.03 -33.24 -0.43
CA ILE A 213 1.29 -33.84 -0.48
C ILE A 213 1.72 -34.09 0.96
N SER A 214 1.85 -35.36 1.32
CA SER A 214 2.17 -35.75 2.68
C SER A 214 2.74 -37.16 2.63
N ASN A 215 3.59 -37.47 3.61
CA ASN A 215 4.05 -38.84 3.76
C ASN A 215 2.92 -39.79 4.14
N ASN A 216 1.75 -39.25 4.55
CA ASN A 216 0.65 -40.08 5.04
C ASN A 216 -0.70 -39.51 4.57
N VAL A 217 -1.10 -39.85 3.32
CA VAL A 217 -2.45 -39.60 2.83
C VAL A 217 -3.29 -40.81 3.15
N VAL A 218 -4.58 -40.59 3.46
CA VAL A 218 -5.43 -41.64 3.98
C VAL A 218 -6.66 -41.90 3.12
N ASP A 219 -6.75 -41.29 1.95
CA ASP A 219 -7.85 -41.59 1.04
C ASP A 219 -7.34 -41.67 -0.39
N SER A 220 -8.03 -42.44 -1.22
CA SER A 220 -7.54 -42.73 -2.57
C SER A 220 -7.34 -41.48 -3.40
N THR A 221 -8.09 -40.42 -3.13
CA THR A 221 -8.06 -39.23 -3.97
C THR A 221 -7.11 -38.15 -3.45
N GLY A 222 -6.44 -38.41 -2.33
CA GLY A 222 -5.54 -37.42 -1.78
C GLY A 222 -6.23 -36.20 -1.23
N THR A 223 -7.51 -36.32 -0.88
CA THR A 223 -8.29 -35.21 -0.34
C THR A 223 -8.38 -35.24 1.17
N ALA A 224 -7.59 -36.09 1.83
CA ALA A 224 -7.55 -36.17 3.28
C ALA A 224 -6.22 -36.83 3.67
N TRP A 225 -5.44 -36.15 4.49
CA TRP A 225 -4.14 -36.65 4.89
C TRP A 225 -3.82 -36.18 6.29
N ARG A 226 -2.63 -36.54 6.75
CA ARG A 226 -2.16 -36.17 8.08
C ARG A 226 -0.85 -35.40 7.96
N VAL A 227 -0.63 -34.53 8.93
CA VAL A 227 0.44 -33.55 8.90
C VAL A 227 1.10 -33.50 10.28
N ALA A 228 2.42 -33.44 10.29
CA ALA A 228 3.18 -33.43 11.53
C ALA A 228 3.53 -31.99 11.87
N GLY A 229 3.43 -31.67 13.16
CA GLY A 229 3.83 -30.35 13.61
C GLY A 229 5.33 -30.20 13.50
N LYS A 230 5.77 -28.99 13.14
CA LYS A 230 7.19 -28.78 12.88
C LYS A 230 8.02 -29.01 14.14
N ASN A 231 7.53 -28.55 15.30
CA ASN A 231 8.31 -28.64 16.53
C ASN A 231 8.08 -29.95 17.28
N THR A 232 6.84 -30.39 17.40
CA THR A 232 6.52 -31.54 18.24
C THR A 232 6.64 -32.86 17.48
N GLY A 233 6.26 -32.87 16.21
CA GLY A 233 6.11 -34.11 15.49
C GLY A 233 4.75 -34.73 15.62
N LYS A 234 3.83 -34.09 16.36
CA LYS A 234 2.50 -34.61 16.52
C LYS A 234 1.69 -34.39 15.26
N GLU A 235 0.77 -35.32 15.01
CA GLU A 235 0.01 -35.40 13.78
C GLU A 235 -1.39 -34.86 13.96
N ILE A 236 -1.88 -34.16 12.94
CA ILE A 236 -3.28 -33.80 12.84
C ILE A 236 -3.79 -34.31 11.50
N GLY A 237 -5.10 -34.59 11.44
CA GLY A 237 -5.74 -35.05 10.24
C GLY A 237 -6.44 -33.89 9.57
N VAL A 238 -6.09 -33.65 8.30
CA VAL A 238 -6.65 -32.56 7.53
C VAL A 238 -7.17 -33.12 6.20
N GLY A 239 -7.92 -32.29 5.50
CA GLY A 239 -8.45 -32.67 4.20
C GLY A 239 -9.50 -31.68 3.76
N LEU A 240 -10.23 -32.06 2.71
CA LEU A 240 -11.20 -31.15 2.14
C LEU A 240 -12.51 -31.25 2.90
N SER A 241 -13.21 -30.12 2.99
CA SER A 241 -14.46 -30.08 3.71
C SER A 241 -15.51 -30.92 2.99
N SER A 242 -16.47 -31.42 3.76
CA SER A 242 -17.54 -32.23 3.18
C SER A 242 -18.28 -31.50 2.08
N ASP A 243 -18.32 -30.16 2.12
CA ASP A 243 -19.02 -29.40 1.11
C ASP A 243 -18.12 -29.04 -0.06
N SER A 244 -16.81 -29.05 0.14
CA SER A 244 -15.88 -28.90 -0.97
C SER A 244 -15.81 -30.17 -1.82
N LEU A 245 -15.96 -31.34 -1.20
CA LEU A 245 -15.89 -32.59 -1.93
C LEU A 245 -17.06 -32.75 -2.89
N ARG A 246 -18.22 -32.21 -2.53
CA ARG A 246 -19.41 -32.37 -3.34
C ARG A 246 -19.43 -31.42 -4.53
N ARG A 247 -18.49 -30.47 -4.59
CA ARG A 247 -18.39 -29.56 -5.72
C ARG A 247 -17.51 -30.11 -6.84
N SER A 248 -17.16 -31.39 -6.77
CA SER A 248 -16.26 -32.00 -7.74
C SER A 248 -17.06 -32.51 -8.92
N ASP A 249 -16.56 -32.25 -10.12
CA ASP A 249 -17.24 -32.68 -11.33
C ASP A 249 -17.07 -34.18 -11.57
N SER A 250 -15.87 -34.70 -11.29
CA SER A 250 -15.58 -36.12 -11.50
C SER A 250 -14.26 -36.47 -10.83
N THR A 251 -13.97 -37.75 -10.80
CA THR A 251 -12.71 -38.29 -10.30
C THR A 251 -11.96 -38.98 -11.44
N GLU A 252 -10.73 -38.55 -11.68
CA GLU A 252 -9.94 -39.03 -12.81
C GLU A 252 -8.68 -39.76 -12.34
N LYS A 253 -8.21 -40.67 -13.18
CA LYS A 253 -6.90 -41.29 -12.99
C LYS A 253 -5.85 -40.54 -13.78
N TRP A 254 -4.69 -40.34 -13.15
CA TRP A 254 -3.56 -39.74 -13.85
C TRP A 254 -2.34 -40.53 -13.43
N ASN A 255 -1.87 -41.40 -14.32
CA ASN A 255 -0.76 -42.30 -14.03
C ASN A 255 -1.04 -43.09 -12.75
N GLY A 256 -2.22 -43.73 -12.74
CA GLY A 256 -2.58 -44.63 -11.67
C GLY A 256 -3.12 -43.99 -10.41
N VAL A 257 -3.07 -42.66 -10.29
CA VAL A 257 -3.45 -41.99 -9.06
C VAL A 257 -4.81 -41.31 -9.26
N ASN A 258 -5.66 -41.39 -8.24
CA ASN A 258 -6.98 -40.78 -8.32
C ASN A 258 -6.92 -39.30 -7.99
N TRP A 259 -7.56 -38.49 -8.82
CA TRP A 259 -7.63 -37.05 -8.66
C TRP A 259 -9.08 -36.63 -8.72
N MET A 260 -9.52 -35.85 -7.73
CA MET A 260 -10.82 -35.21 -7.84
C MET A 260 -10.65 -33.92 -8.62
N THR A 261 -11.62 -33.62 -9.46
CA THR A 261 -11.54 -32.49 -10.36
C THR A 261 -12.62 -31.49 -9.97
N PHE A 262 -12.32 -30.20 -10.12
CA PHE A 262 -13.20 -29.14 -9.68
C PHE A 262 -13.23 -28.06 -10.75
N ASN A 263 -14.35 -27.35 -10.84
CA ASN A 263 -14.40 -26.21 -11.75
C ASN A 263 -13.45 -25.14 -11.23
N SER A 264 -12.59 -24.65 -12.12
CA SER A 264 -11.78 -23.50 -11.73
C SER A 264 -12.72 -22.32 -11.46
N ASN A 265 -12.17 -21.30 -10.80
CA ASN A 265 -12.96 -20.20 -10.27
C ASN A 265 -13.94 -20.69 -9.20
N ASP A 266 -13.37 -21.29 -8.16
CA ASP A 266 -14.14 -21.77 -7.02
C ASP A 266 -13.19 -21.88 -5.84
N THR A 267 -13.75 -22.20 -4.67
CA THR A 267 -12.99 -22.22 -3.44
C THR A 267 -13.25 -23.51 -2.69
N LEU A 268 -12.18 -24.15 -2.24
CA LEU A 268 -12.26 -25.36 -1.45
C LEU A 268 -11.73 -25.06 -0.06
N ASP A 269 -12.28 -25.74 0.93
CA ASP A 269 -11.96 -25.47 2.33
C ASP A 269 -11.24 -26.68 2.92
N ILE A 270 -10.06 -26.43 3.48
CA ILE A 270 -9.32 -27.44 4.21
C ILE A 270 -9.67 -27.32 5.68
N VAL A 271 -10.07 -28.44 6.28
CA VAL A 271 -10.56 -28.46 7.64
C VAL A 271 -9.85 -29.57 8.40
N LEU A 272 -10.14 -29.63 9.70
CA LEU A 272 -9.66 -30.70 10.56
C LEU A 272 -10.59 -31.90 10.40
N THR A 273 -10.14 -32.93 9.69
CA THR A 273 -10.99 -34.05 9.32
C THR A 273 -11.42 -34.84 10.56
N GLY A 274 -12.42 -35.69 10.36
CA GLY A 274 -12.81 -36.67 11.34
C GLY A 274 -13.45 -36.01 12.55
N PRO A 275 -13.45 -36.70 13.68
CA PRO A 275 -13.97 -36.09 14.90
C PRO A 275 -13.22 -34.83 15.27
N ALA A 276 -13.68 -34.14 16.31
CA ALA A 276 -12.97 -32.99 16.83
C ALA A 276 -11.60 -33.44 17.34
N GLN A 277 -10.55 -32.75 16.90
CA GLN A 277 -9.21 -33.10 17.33
C GLN A 277 -8.78 -32.29 18.54
N ASN A 278 -7.89 -32.88 19.32
CA ASN A 278 -7.14 -32.19 20.35
C ASN A 278 -5.77 -31.91 19.75
N VAL A 279 -5.45 -30.64 19.56
CA VAL A 279 -4.32 -30.23 18.75
C VAL A 279 -3.24 -29.71 19.66
N THR A 280 -2.05 -30.29 19.56
CA THR A 280 -0.89 -29.74 20.26
C THR A 280 -0.51 -28.40 19.66
N ALA A 281 -0.19 -27.44 20.51
CA ALA A 281 0.21 -26.14 20.03
C ALA A 281 1.50 -26.27 19.23
N ASP A 282 1.43 -25.93 17.96
CA ASP A 282 2.57 -26.13 17.06
C ASP A 282 2.23 -25.44 15.74
N THR A 283 3.17 -25.51 14.80
CA THR A 283 2.98 -25.06 13.44
C THR A 283 2.90 -26.28 12.54
N TYR A 284 1.84 -26.39 11.75
CA TYR A 284 1.64 -27.55 10.89
C TYR A 284 1.69 -27.13 9.43
N PRO A 285 2.57 -27.71 8.60
CA PRO A 285 2.60 -27.35 7.17
C PRO A 285 1.70 -28.23 6.33
N ILE A 286 0.73 -27.63 5.67
CA ILE A 286 -0.10 -28.34 4.69
C ILE A 286 0.38 -27.96 3.30
N THR A 287 0.35 -28.92 2.39
CA THR A 287 0.89 -28.73 1.05
C THR A 287 -0.06 -29.35 0.04
N LEU A 288 -0.38 -28.60 -1.01
CA LEU A 288 -1.35 -29.01 -2.00
C LEU A 288 -0.69 -29.11 -3.37
N ASP A 289 -1.18 -30.06 -4.15
CA ASP A 289 -0.77 -30.27 -5.53
C ASP A 289 -1.96 -29.87 -6.39
N VAL A 290 -1.78 -28.84 -7.20
CA VAL A 290 -2.87 -28.30 -8.03
C VAL A 290 -2.44 -28.39 -9.49
N VAL A 291 -3.30 -29.01 -10.31
CA VAL A 291 -3.04 -29.21 -11.72
C VAL A 291 -4.28 -28.85 -12.49
N GLY A 292 -4.09 -28.23 -13.65
CA GLY A 292 -5.21 -27.92 -14.54
C GLY A 292 -5.67 -29.16 -15.28
N TYR A 293 -6.97 -29.20 -15.52
CA TYR A 293 -7.59 -30.35 -16.17
C TYR A 293 -8.48 -29.86 -17.30
N GLN A 294 -8.27 -30.42 -18.51
CA GLN A 294 -9.13 -30.10 -19.63
C GLN A 294 -10.13 -31.23 -19.82
N PRO A 295 -11.40 -31.04 -19.49
CA PRO A 295 -12.35 -32.15 -19.55
C PRO A 295 -12.75 -32.48 -20.97
N ASP A 296 -13.20 -33.73 -21.13
CA ASP A 296 -13.65 -34.28 -22.41
C ASP A 296 -14.30 -35.62 -22.12
N ASN A 297 -15.55 -35.79 -22.55
CA ASN A 297 -16.40 -36.89 -22.11
C ASN A 297 -15.64 -38.20 -21.89
N GLN A 299 -12.41 -38.94 -22.43
CA GLN A 299 -11.06 -38.63 -22.90
C GLN A 299 -10.51 -37.33 -22.30
N GLY A 300 -10.63 -37.17 -20.98
CA GLY A 300 -10.05 -36.00 -20.33
C GLY A 300 -8.56 -36.14 -20.12
N SER A 301 -7.87 -35.00 -20.08
CA SER A 301 -6.44 -34.99 -19.83
C SER A 301 -6.05 -33.92 -18.82
N PHE A 302 -4.99 -34.15 -18.12
CA PHE A 302 -4.45 -33.23 -17.21
C PHE A 302 -3.39 -32.43 -17.92
N LEU A 303 -3.13 -31.23 -17.50
CA LEU A 303 -2.16 -30.38 -18.10
C LEU A 303 -1.02 -30.11 -17.18
N PRO A 304 0.01 -30.91 -17.22
CA PRO A 304 1.07 -30.73 -16.25
C PRO A 304 1.86 -29.50 -16.35
N ASN A 305 1.83 -28.85 -17.47
CA ASN A 305 2.49 -27.55 -17.62
C ASN A 305 1.85 -26.51 -16.70
N SER A 306 0.58 -26.69 -16.35
CA SER A 306 -0.16 -25.76 -15.52
C SER A 306 0.00 -26.03 -14.03
N GLU A 307 0.83 -27.00 -13.64
CA GLU A 307 0.83 -27.48 -12.28
C GLU A 307 1.52 -26.49 -11.34
N GLN A 308 0.98 -26.39 -10.14
CA GLN A 308 1.53 -25.55 -9.07
C GLN A 308 1.41 -26.31 -7.77
N GLN A 309 2.48 -26.32 -6.98
CA GLN A 309 2.45 -26.84 -5.62
C GLN A 309 2.67 -25.68 -4.66
N LYS A 310 1.86 -25.62 -3.62
CA LYS A 310 1.97 -24.55 -2.65
C LYS A 310 1.84 -25.09 -1.23
N SER A 311 2.56 -24.45 -0.32
CA SER A 311 2.62 -24.84 1.07
C SER A 311 2.47 -23.62 1.96
N VAL A 312 1.64 -23.73 3.01
CA VAL A 312 1.49 -22.67 4.00
C VAL A 312 1.50 -23.31 5.38
N ASP A 313 1.91 -22.53 6.36
CA ASP A 313 2.03 -22.98 7.74
C ASP A 313 0.79 -22.57 8.54
N ILE A 314 0.18 -23.54 9.22
CA ILE A 314 -0.99 -23.31 10.06
C ILE A 314 -0.53 -23.32 11.51
N VAL A 315 -0.79 -22.22 12.20
CA VAL A 315 -0.31 -22.00 13.56
C VAL A 315 -1.44 -22.28 14.53
N PHE A 316 -1.23 -23.27 15.40
CA PHE A 316 -2.12 -23.52 16.53
C PHE A 316 -1.42 -22.99 17.77
N SER A 317 -1.79 -21.76 18.17
CA SER A 317 -1.21 -21.14 19.35
C SER A 317 -1.94 -21.61 20.61
N SER A 318 -1.28 -21.42 21.75
CA SER A 318 -1.89 -21.96 22.96
C SER A 318 -2.83 -20.91 23.58
N PRO A 319 -3.96 -21.33 24.16
CA PRO A 319 -4.91 -20.35 24.69
C PRO A 319 -4.48 -19.79 26.03
N GLN A 320 -4.64 -18.47 26.17
CA GLN A 320 -4.09 -17.70 27.28
C GLN A 320 -5.23 -17.03 28.06
N ASP A 321 -5.78 -17.75 29.04
CA ASP A 321 -6.71 -17.13 29.98
C ASP A 321 -6.08 -15.90 30.64
N LEU A 322 -4.92 -16.08 31.25
CA LEU A 322 -4.22 -15.04 31.99
C LEU A 322 -3.14 -14.42 31.12
N THR A 323 -3.35 -13.17 30.71
CA THR A 323 -2.23 -12.39 30.19
C THR A 323 -1.29 -12.11 31.35
N VAL A 324 -0.02 -12.46 31.19
CA VAL A 324 0.97 -12.34 32.25
C VAL A 324 2.13 -11.53 31.69
N SER A 325 2.52 -10.49 32.41
CA SER A 325 3.69 -9.69 32.07
C SER A 325 4.58 -9.68 33.30
N LEU A 326 5.81 -10.13 33.13
CA LEU A 326 6.82 -10.06 34.17
C LEU A 326 8.00 -9.26 33.62
N ILE A 327 8.39 -8.22 34.33
CA ILE A 327 9.34 -7.27 33.77
C ILE A 327 10.46 -7.06 34.79
N PRO A 328 11.73 -7.16 34.39
CA PRO A 328 12.81 -6.94 35.34
C PRO A 328 12.98 -5.46 35.64
N VAL A 329 13.34 -5.14 36.88
CA VAL A 329 13.79 -3.81 37.19
C VAL A 329 15.08 -3.56 36.44
N SER A 330 15.29 -2.31 36.02
CA SER A 330 16.49 -1.93 35.29
C SER A 330 17.35 -1.06 36.19
N GLY A 331 18.66 -1.18 36.01
CA GLY A 331 19.58 -0.39 36.80
C GLY A 331 19.91 -1.01 38.15
N LEU A 332 19.82 -2.33 38.27
CA LEU A 332 20.32 -2.98 39.48
C LEU A 332 21.83 -3.11 39.33
N LYS A 333 22.54 -2.93 40.44
CA LYS A 333 23.98 -2.99 40.43
C LYS A 333 24.45 -4.03 41.45
N ALA A 334 25.55 -4.69 41.14
CA ALA A 334 26.11 -5.68 42.04
C ALA A 334 26.56 -4.99 43.32
N GLY A 335 26.90 -5.81 44.31
CA GLY A 335 27.31 -5.29 45.59
C GLY A 335 26.18 -5.28 46.60
N LYS A 336 26.33 -4.41 47.58
CA LYS A 336 25.39 -4.32 48.69
C LYS A 336 24.09 -3.67 48.21
N ASN A 337 22.99 -4.41 48.35
CA ASN A 337 21.67 -3.94 47.95
C ASN A 337 20.76 -3.74 49.16
N ALA A 338 19.67 -3.01 48.93
CA ALA A 338 18.75 -2.68 50.00
C ALA A 338 17.93 -3.90 50.40
N PRO A 339 17.55 -4.02 51.68
CA PRO A 339 16.61 -5.07 52.07
C PRO A 339 15.29 -4.90 51.32
N SER A 340 14.78 -6.00 50.78
CA SER A 340 13.51 -5.98 50.06
C SER A 340 13.58 -5.01 48.87
N ALA A 341 14.72 -5.02 48.18
CA ALA A 341 14.89 -4.20 46.99
C ALA A 341 14.15 -4.83 45.81
N LYS A 342 13.41 -4.00 45.08
CA LYS A 342 12.55 -4.49 44.01
C LYS A 342 13.37 -4.96 42.83
N ILE A 343 13.10 -6.18 42.39
CA ILE A 343 13.85 -6.81 41.33
C ILE A 343 13.04 -6.86 40.04
N ALA A 344 11.76 -7.18 40.17
CA ALA A 344 10.91 -7.43 39.03
C ALA A 344 9.49 -7.06 39.43
N LYS A 345 8.66 -6.84 38.41
CA LYS A 345 7.26 -6.54 38.61
C LYS A 345 6.45 -7.45 37.70
N LEU A 346 5.46 -8.11 38.28
CA LEU A 346 4.61 -9.04 37.57
C LEU A 346 3.20 -8.48 37.57
N VAL A 347 2.54 -8.53 36.42
CA VAL A 347 1.16 -8.04 36.33
C VAL A 347 0.35 -9.13 35.64
N VAL A 348 -0.65 -9.65 36.34
CA VAL A 348 -1.49 -10.71 35.80
C VAL A 348 -2.83 -10.05 35.46
N ASN A 349 -3.02 -9.77 34.18
CA ASN A 349 -4.26 -9.20 33.66
C ASN A 349 -5.09 -10.27 32.97
N SER A 350 -6.34 -10.38 33.39
CA SER A 350 -7.28 -11.31 32.83
C SER A 350 -8.54 -10.53 32.52
N THR A 351 -9.07 -10.67 31.30
CA THR A 351 -10.30 -10.01 30.93
C THR A 351 -11.54 -10.78 31.39
N THR A 352 -11.37 -12.05 31.79
CA THR A 352 -12.48 -12.95 32.04
C THR A 352 -12.42 -13.57 33.43
N LEU A 353 -11.23 -13.72 34.02
CA LEU A 353 -11.11 -14.41 35.29
C LEU A 353 -10.47 -13.49 36.31
N LYS A 354 -10.94 -13.57 37.56
CA LYS A 354 -10.66 -12.55 38.56
C LYS A 354 -9.46 -12.87 39.47
N GLU A 355 -9.48 -14.01 40.14
CA GLU A 355 -8.38 -14.40 41.04
C GLU A 355 -7.41 -15.38 40.39
N PHE A 356 -6.12 -15.15 40.65
CA PHE A 356 -5.02 -16.01 40.25
C PHE A 356 -4.12 -16.32 41.44
N GLY A 357 -3.46 -17.48 41.38
CA GLY A 357 -2.42 -17.84 42.33
C GLY A 357 -1.06 -17.80 41.68
N VAL A 358 -0.02 -17.84 42.51
CA VAL A 358 1.35 -17.64 42.03
C VAL A 358 2.35 -18.38 42.90
N ARG A 359 3.38 -18.91 42.26
CA ARG A 359 4.47 -19.61 42.94
C ARG A 359 5.77 -19.40 42.16
N GLY A 360 6.87 -19.32 42.91
CA GLY A 360 8.19 -19.39 42.30
C GLY A 360 8.60 -20.81 42.01
N ILE A 361 9.37 -20.98 40.93
CA ILE A 361 9.93 -22.27 40.53
C ILE A 361 11.44 -22.23 40.71
N SER A 362 11.95 -23.18 41.50
CA SER A 362 13.39 -23.26 41.75
C SER A 362 13.70 -24.62 42.37
N ASN A 363 15.01 -24.89 42.45
CA ASN A 363 15.51 -26.06 43.17
C ASN A 363 15.46 -25.88 44.69
N ASN A 364 15.23 -24.67 45.18
CA ASN A 364 15.16 -24.42 46.62
C ASN A 364 14.15 -23.31 46.90
N VAL A 365 12.96 -23.69 47.34
CA VAL A 365 11.97 -22.74 47.85
C VAL A 365 12.13 -22.72 49.36
N VAL A 366 11.94 -21.57 49.98
CA VAL A 366 12.30 -21.39 51.38
C VAL A 366 11.10 -21.43 52.31
N ASP A 367 9.88 -21.13 51.83
CA ASP A 367 8.68 -21.25 52.63
C ASP A 367 7.67 -22.17 51.95
N SER A 368 6.67 -22.57 52.74
CA SER A 368 5.62 -23.47 52.24
C SER A 368 4.92 -22.91 51.01
N THR A 369 4.56 -21.62 51.05
CA THR A 369 3.65 -21.07 50.05
C THR A 369 4.28 -20.95 48.66
N GLY A 370 5.60 -21.13 48.55
CA GLY A 370 6.29 -20.98 47.28
C GLY A 370 6.52 -19.54 46.87
N THR A 371 6.35 -18.60 47.79
CA THR A 371 6.47 -17.17 47.51
C THR A 371 7.86 -16.60 47.79
N ALA A 372 8.78 -17.42 48.28
CA ALA A 372 10.17 -17.01 48.42
C ALA A 372 11.04 -18.21 48.08
N TRP A 373 12.10 -17.95 47.33
CA TRP A 373 12.99 -19.02 46.88
C TRP A 373 14.32 -18.40 46.51
N ARG A 374 15.19 -19.22 45.96
CA ARG A 374 16.59 -18.85 45.75
C ARG A 374 16.92 -19.18 44.31
N VAL A 375 17.70 -18.30 43.69
CA VAL A 375 17.96 -18.32 42.26
C VAL A 375 19.46 -18.28 42.09
N ALA A 376 19.97 -19.09 41.17
CA ALA A 376 21.40 -19.21 40.95
C ALA A 376 21.81 -18.42 39.72
N GLY A 377 22.92 -17.73 39.82
CA GLY A 377 23.44 -17.00 38.69
C GLY A 377 23.94 -17.93 37.60
N LYS A 378 23.75 -17.51 36.37
CA LYS A 378 24.20 -18.31 35.23
C LYS A 378 25.73 -18.38 35.17
N ASN A 379 26.40 -17.23 35.19
CA ASN A 379 27.84 -17.21 35.03
C ASN A 379 28.55 -17.63 36.32
N THR A 380 28.15 -17.08 37.46
CA THR A 380 28.81 -17.42 38.72
C THR A 380 28.19 -18.65 39.39
N GLY A 381 26.88 -18.85 39.28
CA GLY A 381 26.23 -19.95 39.96
C GLY A 381 26.01 -19.73 41.44
N LYS A 382 26.35 -18.56 41.96
CA LYS A 382 26.04 -18.14 43.32
C LYS A 382 24.61 -17.63 43.33
N GLU A 383 23.96 -17.69 44.49
CA GLU A 383 22.52 -17.44 44.54
C GLU A 383 22.16 -16.25 45.41
N ILE A 384 20.93 -15.81 45.19
CA ILE A 384 20.27 -14.72 45.91
C ILE A 384 18.89 -15.20 46.34
N GLY A 385 18.33 -14.53 47.35
CA GLY A 385 17.01 -14.83 47.82
C GLY A 385 16.01 -13.84 47.24
N VAL A 386 15.07 -14.37 46.45
CA VAL A 386 14.06 -13.56 45.80
C VAL A 386 12.70 -14.02 46.30
N GLY A 387 11.72 -13.14 46.19
CA GLY A 387 10.38 -13.46 46.66
C GLY A 387 9.49 -12.25 46.55
N LEU A 388 8.21 -12.50 46.79
CA LEU A 388 7.25 -11.41 46.82
C LEU A 388 7.59 -10.43 47.93
N SER A 389 7.38 -9.15 47.66
CA SER A 389 7.62 -8.15 48.67
C SER A 389 6.61 -8.33 49.79
N SER A 390 7.01 -7.95 51.00
CA SER A 390 6.08 -8.07 52.12
C SER A 390 4.81 -7.28 51.84
N ASP A 391 4.95 -6.09 51.24
CA ASP A 391 3.78 -5.31 50.87
C ASP A 391 2.92 -6.07 49.87
N SER A 392 3.56 -6.83 48.98
CA SER A 392 2.83 -7.52 47.92
C SER A 392 2.10 -8.73 48.47
N LEU A 393 2.63 -9.33 49.53
CA LEU A 393 1.91 -10.38 50.22
C LEU A 393 0.71 -9.74 50.92
N ARG A 394 -0.13 -10.55 51.56
CA ARG A 394 -1.29 -10.05 52.30
C ARG A 394 -2.15 -9.08 51.48
N ARG A 395 -1.87 -8.98 50.18
CA ARG A 395 -2.84 -8.55 49.19
C ARG A 395 -3.49 -9.79 48.60
N SER A 396 -3.13 -10.95 49.15
CA SER A 396 -3.69 -12.22 48.77
C SER A 396 -5.03 -12.41 49.47
N ASP A 397 -6.00 -12.91 48.73
CA ASP A 397 -7.30 -13.19 49.33
C ASP A 397 -7.18 -14.33 50.33
N SER A 398 -6.53 -15.41 49.93
CA SER A 398 -6.44 -16.60 50.76
C SER A 398 -5.19 -17.40 50.36
N THR A 399 -5.12 -18.63 50.87
CA THR A 399 -4.08 -19.59 50.53
C THR A 399 -4.79 -20.93 50.38
N GLU A 400 -4.70 -21.53 49.20
CA GLU A 400 -5.49 -22.70 48.85
C GLU A 400 -4.60 -23.85 48.41
N LYS A 401 -5.21 -25.04 48.37
CA LYS A 401 -4.48 -26.27 48.14
C LYS A 401 -4.79 -26.77 46.73
N TRP A 402 -3.74 -26.99 45.95
CA TRP A 402 -3.87 -27.59 44.63
C TRP A 402 -2.65 -28.44 44.39
N ASN A 403 -2.85 -29.69 43.98
CA ASN A 403 -1.76 -30.64 43.79
C ASN A 403 -1.05 -30.97 45.09
N GLY A 404 -1.71 -30.74 46.24
CA GLY A 404 -1.09 -30.97 47.52
C GLY A 404 -0.14 -29.87 47.96
N VAL A 405 0.12 -28.88 47.11
CA VAL A 405 0.94 -27.74 47.46
C VAL A 405 0.04 -26.53 47.62
N ASN A 406 0.51 -25.57 48.41
CA ASN A 406 -0.29 -24.41 48.76
C ASN A 406 0.03 -23.24 47.83
N TRP A 407 -1.01 -22.50 47.45
CA TRP A 407 -0.89 -21.36 46.57
C TRP A 407 -1.55 -20.16 47.23
N MET A 408 -0.87 -19.02 47.21
CA MET A 408 -1.47 -17.78 47.68
C MET A 408 -2.24 -17.17 46.53
N THR A 409 -3.54 -17.01 46.70
CA THR A 409 -4.38 -16.40 45.67
C THR A 409 -4.26 -14.90 45.74
N PHE A 410 -4.46 -14.25 44.61
CA PHE A 410 -4.57 -12.80 44.55
C PHE A 410 -5.74 -12.43 43.66
N ASN A 411 -5.98 -11.13 43.52
CA ASN A 411 -6.95 -10.65 42.55
C ASN A 411 -6.23 -10.27 41.28
N SER A 412 -6.82 -10.61 40.15
CA SER A 412 -6.15 -10.37 38.90
C SER A 412 -6.25 -8.89 38.59
N ASN A 413 -5.47 -8.46 37.60
CA ASN A 413 -5.29 -7.04 37.26
C ASN A 413 -4.56 -6.27 38.35
N ASP A 414 -4.25 -6.90 39.48
CA ASP A 414 -3.30 -6.36 40.44
C ASP A 414 -1.88 -6.68 40.01
N THR A 415 -0.95 -5.79 40.40
CA THR A 415 0.46 -5.96 40.09
C THR A 415 1.24 -6.27 41.37
N LEU A 416 1.99 -7.38 41.37
CA LEU A 416 2.85 -7.73 42.49
C LEU A 416 4.31 -7.57 42.07
N ASP A 417 5.18 -7.33 43.05
CA ASP A 417 6.59 -7.07 42.79
C ASP A 417 7.47 -8.14 43.45
N ILE A 418 8.49 -8.60 42.71
CA ILE A 418 9.50 -9.53 43.24
C ILE A 418 10.65 -8.71 43.79
N VAL A 419 11.22 -9.17 44.92
CA VAL A 419 12.22 -8.39 45.64
C VAL A 419 13.28 -9.33 46.19
N LEU A 420 14.40 -8.74 46.64
CA LEU A 420 15.42 -9.47 47.37
C LEU A 420 14.93 -9.72 48.79
N THR A 421 14.70 -10.97 49.13
CA THR A 421 14.05 -11.28 50.40
C THR A 421 15.02 -11.06 51.56
N GLY A 422 14.44 -10.92 52.75
CA GLY A 422 15.19 -10.98 53.98
C GLY A 422 16.20 -9.85 54.17
N PRO A 423 17.33 -10.16 54.82
CA PRO A 423 18.31 -9.12 55.13
C PRO A 423 18.94 -8.53 53.88
N ALA A 424 19.82 -7.55 54.08
CA ALA A 424 20.58 -6.99 52.97
C ALA A 424 21.40 -8.10 52.31
N GLN A 425 21.57 -7.98 51.00
CA GLN A 425 22.21 -9.02 50.22
C GLN A 425 23.35 -8.42 49.42
N ASN A 426 24.48 -9.12 49.36
CA ASN A 426 25.62 -8.71 48.54
C ASN A 426 25.63 -9.64 47.33
N VAL A 427 25.12 -9.13 46.22
CA VAL A 427 24.86 -9.95 45.03
C VAL A 427 26.02 -9.79 44.07
N THR A 428 26.52 -10.92 43.56
CA THR A 428 27.56 -10.87 42.54
C THR A 428 26.96 -10.43 41.21
N ALA A 429 27.73 -9.63 40.46
CA ALA A 429 27.28 -9.22 39.14
C ALA A 429 27.10 -10.45 38.26
N ASP A 430 25.89 -10.66 37.79
CA ASP A 430 25.54 -11.83 37.00
C ASP A 430 24.12 -11.60 36.49
N THR A 431 23.60 -12.58 35.78
CA THR A 431 22.22 -12.58 35.32
C THR A 431 21.51 -13.73 36.02
N TYR A 432 20.40 -13.42 36.68
CA TYR A 432 19.70 -14.39 37.52
C TYR A 432 18.36 -14.73 36.90
N PRO A 433 18.16 -15.96 36.40
CA PRO A 433 16.89 -16.31 35.76
C PRO A 433 15.80 -16.54 36.79
N ILE A 434 14.84 -15.65 36.80
CA ILE A 434 13.68 -15.76 37.66
C ILE A 434 12.58 -16.46 36.87
N THR A 435 11.84 -17.36 37.52
CA THR A 435 10.81 -18.15 36.86
C THR A 435 9.60 -18.26 37.77
N LEU A 436 8.43 -17.88 37.27
CA LEU A 436 7.20 -17.93 38.03
C LEU A 436 6.27 -18.98 37.46
N ASP A 437 5.26 -19.33 38.25
CA ASP A 437 4.21 -20.24 37.81
C ASP A 437 2.90 -19.66 38.30
N VAL A 438 2.06 -19.22 37.37
CA VAL A 438 0.80 -18.59 37.71
C VAL A 438 -0.34 -19.46 37.20
N VAL A 439 -1.44 -19.47 37.96
CA VAL A 439 -2.64 -20.21 37.64
C VAL A 439 -3.84 -19.36 38.03
N GLY A 440 -4.91 -19.48 37.27
CA GLY A 440 -6.14 -18.78 37.61
C GLY A 440 -7.01 -19.57 38.58
N TYR A 441 -7.72 -18.84 39.43
CA TYR A 441 -8.36 -19.45 40.59
C TYR A 441 -9.87 -19.55 40.37
N GLN A 447 -12.65 -16.63 44.89
CA GLN A 447 -13.47 -16.82 43.70
C GLN A 447 -14.14 -18.19 43.73
N GLY A 448 -13.93 -18.99 42.68
CA GLY A 448 -14.36 -20.36 42.68
C GLY A 448 -13.27 -21.23 43.27
N SER A 449 -13.64 -22.06 44.25
CA SER A 449 -12.67 -22.86 44.99
C SER A 449 -12.14 -24.01 44.12
N PHE A 450 -11.67 -23.66 42.93
CA PHE A 450 -11.06 -24.59 41.98
C PHE A 450 -10.13 -23.72 41.13
N LEU A 451 -9.14 -24.36 40.50
CA LEU A 451 -8.18 -23.64 39.68
C LEU A 451 -8.21 -24.15 38.25
N PRO A 452 -8.66 -23.36 37.28
CA PRO A 452 -8.66 -23.85 35.89
C PRO A 452 -7.24 -23.95 35.34
N ASN A 453 -6.96 -25.07 34.67
CA ASN A 453 -5.61 -25.34 34.17
C ASN A 453 -5.43 -24.77 32.77
N SER A 454 -5.44 -23.44 32.73
CA SER A 454 -4.63 -22.74 31.74
C SER A 454 -3.64 -21.92 32.55
N GLU A 455 -2.92 -22.63 33.42
CA GLU A 455 -1.75 -22.08 34.07
C GLU A 455 -0.65 -21.86 33.05
N GLN A 456 0.19 -20.87 33.33
CA GLN A 456 1.29 -20.49 32.45
C GLN A 456 2.55 -20.32 33.27
N GLN A 457 3.69 -20.61 32.65
CA GLN A 457 4.96 -20.32 33.27
C GLN A 457 5.66 -19.28 32.41
N LYS A 458 6.10 -18.21 33.05
CA LYS A 458 6.88 -17.19 32.40
C LYS A 458 8.14 -16.93 33.20
N SER A 459 9.20 -16.62 32.47
CA SER A 459 10.52 -16.54 33.03
C SER A 459 11.26 -15.39 32.36
N VAL A 460 11.77 -14.47 33.17
CA VAL A 460 12.63 -13.40 32.69
C VAL A 460 13.97 -13.53 33.37
N ASP A 461 14.92 -12.74 32.90
CA ASP A 461 16.21 -12.62 33.56
C ASP A 461 16.31 -11.30 34.30
N ILE A 462 17.06 -11.32 35.39
CA ILE A 462 17.35 -10.14 36.16
C ILE A 462 18.86 -9.93 36.12
N VAL A 463 19.28 -8.74 35.73
CA VAL A 463 20.70 -8.48 35.52
C VAL A 463 21.20 -7.56 36.63
N PHE A 464 22.26 -8.00 37.29
CA PHE A 464 23.03 -7.17 38.21
C PHE A 464 24.34 -6.83 37.52
N SER A 465 24.90 -5.67 37.88
CA SER A 465 25.83 -4.98 37.00
C SER A 465 26.86 -4.22 37.82
N SER A 466 28.12 -4.65 37.72
CA SER A 466 29.21 -4.10 38.53
C SER A 466 29.31 -2.59 38.38
N MET B 21 -14.35 13.00 -32.08
CA MET B 21 -15.10 11.78 -31.78
C MET B 21 -14.27 10.54 -32.09
N ALA B 22 -12.99 10.58 -31.71
CA ALA B 22 -12.09 9.45 -31.81
C ALA B 22 -11.63 9.07 -30.41
N GLU B 23 -11.64 7.77 -30.11
CA GLU B 23 -11.41 7.33 -28.74
C GLU B 23 -9.97 7.60 -28.31
N LYS B 24 -9.83 8.25 -27.16
CA LYS B 24 -8.53 8.66 -26.65
C LYS B 24 -8.04 7.67 -25.61
N LEU B 25 -6.82 7.16 -25.82
CA LEU B 25 -6.12 6.34 -24.86
C LEU B 25 -6.17 6.95 -23.46
N GLN B 26 -6.13 6.09 -22.44
CA GLN B 26 -6.25 6.48 -21.04
C GLN B 26 -5.08 5.94 -20.22
N THR B 27 -4.15 6.83 -19.85
CA THR B 27 -3.01 6.46 -19.01
C THR B 27 -3.18 6.92 -17.57
N THR B 28 -2.56 6.16 -16.67
CA THR B 28 -2.31 6.59 -15.30
C THR B 28 -0.83 6.38 -15.04
N LEU B 29 -0.21 7.31 -14.32
CA LEU B 29 1.25 7.30 -14.15
C LEU B 29 1.56 7.85 -12.77
N ARG B 30 2.08 6.99 -11.88
CA ARG B 30 2.35 7.33 -10.50
C ARG B 30 3.86 7.29 -10.25
N VAL B 31 4.41 8.42 -9.82
CA VAL B 31 5.82 8.51 -9.48
C VAL B 31 5.97 8.36 -7.97
N GLY B 32 7.19 8.05 -7.54
CA GLY B 32 7.51 8.09 -6.14
C GLY B 32 7.92 9.49 -5.72
N THR B 33 7.78 9.79 -4.42
CA THR B 33 8.08 11.11 -3.92
C THR B 33 9.22 11.16 -2.94
N TYR B 34 9.43 10.13 -2.14
CA TYR B 34 10.46 10.16 -1.11
C TYR B 34 11.76 9.53 -1.61
N PHE B 35 12.32 10.19 -2.62
CA PHE B 35 13.61 9.83 -3.18
C PHE B 35 14.65 10.77 -2.58
N ARG B 36 15.67 10.19 -1.94
CA ARG B 36 16.69 10.99 -1.29
C ARG B 36 17.83 11.27 -2.28
N ALA B 37 18.11 12.54 -2.52
CA ALA B 37 19.27 12.90 -3.31
C ALA B 37 20.48 12.15 -2.78
N GLY B 38 21.33 11.71 -3.70
CA GLY B 38 22.46 10.87 -3.36
C GLY B 38 22.56 9.75 -4.36
N HIS B 39 22.92 8.54 -3.92
CA HIS B 39 23.12 7.43 -4.85
C HIS B 39 21.84 6.63 -5.02
N VAL B 40 21.53 6.33 -6.28
CA VAL B 40 20.39 5.50 -6.66
C VAL B 40 20.94 4.28 -7.39
N PRO B 41 20.54 3.06 -7.03
CA PRO B 41 21.00 1.88 -7.78
C PRO B 41 20.26 1.71 -9.08
N ASP B 42 20.99 1.26 -10.09
CA ASP B 42 20.35 0.95 -11.37
C ASP B 42 19.23 -0.05 -11.14
N GLY B 43 18.09 0.22 -11.76
CA GLY B 43 16.89 -0.59 -11.55
C GLY B 43 15.88 0.01 -10.61
N MET B 44 16.22 1.11 -9.94
CA MET B 44 15.30 1.75 -9.00
C MET B 44 14.09 2.28 -9.75
N VAL B 45 12.90 1.82 -9.37
CA VAL B 45 11.68 2.33 -9.99
C VAL B 45 11.42 3.74 -9.52
N LEU B 46 11.12 4.62 -10.47
CA LEU B 46 10.69 5.98 -10.18
C LEU B 46 9.25 6.22 -10.53
N ALA B 47 8.72 5.48 -11.51
CA ALA B 47 7.32 5.58 -11.87
C ALA B 47 6.82 4.25 -12.39
N GLN B 48 5.54 4.00 -12.18
CA GLN B 48 4.82 2.90 -12.78
C GLN B 48 3.66 3.46 -13.59
N GLY B 49 3.40 2.86 -14.73
CA GLY B 49 2.40 3.39 -15.65
C GLY B 49 1.54 2.30 -16.24
N TRP B 50 0.33 2.67 -16.61
CA TRP B 50 -0.59 1.81 -17.33
C TRP B 50 -1.20 2.57 -18.50
N VAL B 51 -1.36 1.88 -19.62
CA VAL B 51 -2.06 2.41 -20.79
C VAL B 51 -3.33 1.59 -20.99
N THR B 52 -4.40 2.26 -21.41
CA THR B 52 -5.67 1.58 -21.66
C THR B 52 -6.31 2.12 -22.94
N TYR B 53 -6.48 1.25 -23.93
CA TYR B 53 -7.16 1.56 -25.18
C TYR B 53 -8.16 0.47 -25.48
N HIS B 54 -9.40 0.85 -25.79
CA HIS B 54 -10.46 -0.14 -25.93
C HIS B 54 -10.84 -0.44 -27.37
N GLY B 55 -10.56 0.46 -28.31
CA GLY B 55 -10.79 0.09 -29.69
C GLY B 55 -9.82 -1.01 -30.10
N SER B 56 -9.79 -1.26 -31.40
CA SER B 56 -8.90 -2.27 -31.96
C SER B 56 -7.52 -1.67 -32.24
N HIS B 57 -6.49 -2.41 -31.87
CA HIS B 57 -5.11 -1.91 -31.86
C HIS B 57 -4.19 -3.12 -31.84
N SER B 58 -2.89 -2.88 -32.10
CA SER B 58 -1.90 -3.94 -32.06
C SER B 58 -0.77 -3.70 -31.07
N GLY B 59 -0.69 -2.53 -30.45
CA GLY B 59 0.32 -2.30 -29.44
C GLY B 59 0.22 -0.90 -28.88
N PHE B 60 1.26 -0.52 -28.13
CA PHE B 60 1.37 0.82 -27.59
C PHE B 60 2.80 1.32 -27.77
N ARG B 61 2.91 2.65 -27.78
CA ARG B 61 4.19 3.33 -27.97
C ARG B 61 4.27 4.44 -26.93
N VAL B 62 5.32 4.44 -26.13
CA VAL B 62 5.54 5.45 -25.11
C VAL B 62 6.88 6.13 -25.37
N TRP B 63 6.87 7.46 -25.42
CA TRP B 63 8.06 8.19 -25.81
C TRP B 63 8.01 9.59 -25.21
N SER B 64 9.11 10.32 -25.41
CA SER B 64 9.23 11.70 -24.97
C SER B 64 9.78 12.50 -26.14
N ASP B 65 9.41 13.77 -26.21
CA ASP B 65 9.90 14.66 -27.23
C ASP B 65 10.85 15.74 -26.73
N GLU B 66 11.11 15.81 -25.41
CA GLU B 66 12.22 16.67 -25.01
C GLU B 66 13.54 15.97 -25.26
N GLN B 67 13.50 14.63 -25.36
CA GLN B 67 14.70 13.83 -25.54
C GLN B 67 14.98 13.74 -27.04
N LYS B 68 16.17 14.18 -27.45
CA LYS B 68 16.49 14.18 -28.87
C LYS B 68 16.46 12.77 -29.44
N ALA B 69 16.20 12.67 -30.75
CA ALA B 69 16.25 11.39 -31.44
C ALA B 69 17.67 10.82 -31.36
N GLY B 70 17.77 9.57 -30.93
CA GLY B 70 19.08 8.95 -30.76
C GLY B 70 19.15 7.46 -30.96
N ASN B 71 20.29 6.88 -30.55
CA ASN B 71 20.53 5.45 -30.69
C ASN B 71 20.11 4.64 -29.46
N THR B 72 20.00 5.27 -28.29
CA THR B 72 19.36 4.61 -27.15
C THR B 72 18.00 5.22 -26.88
N PRO B 73 16.96 4.85 -27.64
CA PRO B 73 15.67 5.56 -27.53
C PRO B 73 14.83 5.15 -26.33
N THR B 74 15.25 4.14 -25.56
CA THR B 74 14.52 3.76 -24.36
C THR B 74 14.96 4.55 -23.16
N VAL B 75 16.13 5.19 -23.23
CA VAL B 75 16.75 5.87 -22.11
C VAL B 75 16.65 7.37 -22.37
N LEU B 76 16.38 8.13 -21.32
CA LEU B 76 16.09 9.55 -21.43
C LEU B 76 17.02 10.32 -20.51
N LEU B 77 17.54 11.43 -21.01
CA LEU B 77 18.35 12.34 -20.20
C LEU B 77 17.51 13.56 -19.89
N LEU B 78 17.36 13.86 -18.60
CA LEU B 78 16.48 14.93 -18.13
C LEU B 78 17.30 15.97 -17.40
N SER B 79 17.03 17.25 -17.71
CA SER B 79 17.70 18.38 -17.09
C SER B 79 16.79 18.97 -16.03
N GLY B 80 17.35 19.24 -14.85
CA GLY B 80 16.55 19.70 -13.74
C GLY B 80 16.05 21.13 -13.89
N GLN B 81 15.00 21.44 -13.13
CA GLN B 81 14.35 22.75 -13.21
C GLN B 81 15.15 23.82 -12.46
N GLN B 82 15.37 23.62 -11.16
CA GLN B 82 16.03 24.64 -10.36
C GLN B 82 17.32 25.11 -11.03
N ASP B 83 18.05 24.18 -11.63
CA ASP B 83 19.21 24.53 -12.43
C ASP B 83 19.35 23.49 -13.55
N PRO B 84 19.25 23.90 -14.83
CA PRO B 84 19.19 22.91 -15.92
C PRO B 84 20.42 22.02 -16.05
N ARG B 85 21.53 22.37 -15.44
CA ARG B 85 22.74 21.57 -15.59
C ARG B 85 22.69 20.30 -14.74
N HIS B 86 21.75 20.21 -13.80
CA HIS B 86 21.59 18.99 -13.03
C HIS B 86 20.96 17.94 -13.92
N HIS B 87 21.45 16.70 -13.82
CA HIS B 87 21.07 15.68 -14.78
C HIS B 87 20.75 14.37 -14.10
N ILE B 88 19.59 13.82 -14.46
CA ILE B 88 19.19 12.46 -14.14
C ILE B 88 18.87 11.80 -15.47
N GLN B 89 19.32 10.56 -15.65
CA GLN B 89 19.06 9.80 -16.86
C GLN B 89 18.30 8.54 -16.47
N VAL B 90 17.21 8.27 -17.19
CA VAL B 90 16.27 7.22 -16.85
C VAL B 90 16.09 6.32 -18.07
N ARG B 91 15.34 5.24 -17.91
CA ARG B 91 15.05 4.34 -19.02
C ARG B 91 13.67 3.76 -18.87
N LEU B 92 12.98 3.59 -20.00
CA LEU B 92 11.65 2.98 -20.02
C LEU B 92 11.82 1.47 -20.06
N GLU B 93 11.55 0.82 -18.94
CA GLU B 93 11.50 -0.63 -18.94
C GLU B 93 10.05 -1.07 -18.94
N GLY B 94 9.87 -2.37 -18.88
CA GLY B 94 8.54 -2.96 -18.79
C GLY B 94 8.61 -4.26 -19.58
N GLU B 95 7.85 -5.25 -19.12
CA GLU B 95 7.89 -6.54 -19.77
C GLU B 95 7.21 -6.48 -21.12
N GLY B 96 7.96 -6.84 -22.17
CA GLY B 96 7.46 -6.85 -23.53
C GLY B 96 7.87 -5.65 -24.37
N TRP B 97 8.33 -4.59 -23.73
CA TRP B 97 8.71 -3.38 -24.45
C TRP B 97 10.15 -3.46 -24.91
N GLN B 98 10.39 -3.23 -26.20
CA GLN B 98 11.72 -3.03 -26.73
C GLN B 98 11.72 -1.70 -27.46
N PRO B 99 12.90 -1.17 -27.78
CA PRO B 99 12.97 0.21 -28.32
C PRO B 99 12.20 0.42 -29.61
N ASP B 100 11.75 1.67 -29.79
CA ASP B 100 11.24 2.15 -31.08
C ASP B 100 12.45 2.73 -31.82
N THR B 101 13.25 1.83 -32.38
CA THR B 101 14.45 2.24 -33.09
C THR B 101 14.14 3.04 -34.36
N VAL B 102 12.99 2.78 -34.99
CA VAL B 102 12.71 3.40 -36.28
C VAL B 102 12.55 4.91 -36.14
N SER B 103 11.79 5.35 -35.12
CA SER B 103 11.54 6.77 -34.93
C SER B 103 12.69 7.47 -34.21
N GLY B 104 13.31 6.80 -33.24
CA GLY B 104 14.38 7.41 -32.46
C GLY B 104 13.96 7.89 -31.09
N ARG B 105 12.70 7.73 -30.73
CA ARG B 105 12.20 8.17 -29.43
C ARG B 105 11.25 7.10 -28.88
N GLY B 106 11.56 6.60 -27.70
CA GLY B 106 10.62 5.78 -26.95
C GLY B 106 10.82 4.29 -27.12
N ALA B 107 9.84 3.56 -26.57
CA ALA B 107 9.79 2.11 -26.59
C ALA B 107 8.40 1.67 -27.03
N ILE B 108 8.33 0.45 -27.57
CA ILE B 108 7.09 -0.07 -28.14
C ILE B 108 6.78 -1.41 -27.48
N LEU B 109 5.48 -1.66 -27.32
CA LEU B 109 4.95 -2.97 -26.94
C LEU B 109 3.98 -3.45 -28.01
N ARG B 110 3.95 -4.77 -28.23
CA ARG B 110 3.05 -5.38 -29.21
C ARG B 110 2.19 -6.44 -28.52
N THR B 111 0.89 -6.17 -28.46
CA THR B 111 -0.14 -7.11 -28.02
C THR B 111 -1.48 -6.39 -28.22
N ALA B 112 -2.54 -7.17 -28.40
CA ALA B 112 -3.87 -6.61 -28.57
C ALA B 112 -4.64 -6.46 -27.26
N ALA B 113 -4.01 -6.73 -26.13
CA ALA B 113 -4.63 -6.50 -24.82
C ALA B 113 -4.95 -5.03 -24.60
N ASP B 114 -6.12 -4.77 -23.99
CA ASP B 114 -6.60 -3.41 -23.77
C ASP B 114 -5.81 -2.65 -22.72
N ASN B 115 -4.97 -3.32 -21.93
CA ASN B 115 -4.33 -2.71 -20.78
C ASN B 115 -2.91 -3.26 -20.64
N ALA B 116 -1.93 -2.37 -20.46
CA ALA B 116 -0.54 -2.79 -20.33
C ALA B 116 0.18 -1.92 -19.31
N SER B 117 1.20 -2.50 -18.69
CA SER B 117 1.97 -1.84 -17.64
C SER B 117 3.39 -1.59 -18.10
N PHE B 118 4.04 -0.63 -17.45
CA PHE B 118 5.43 -0.29 -17.76
C PHE B 118 5.99 0.53 -16.62
N SER B 119 7.31 0.47 -16.47
CA SER B 119 8.02 1.17 -15.41
C SER B 119 9.03 2.13 -16.00
N VAL B 120 9.26 3.22 -15.28
CA VAL B 120 10.39 4.12 -15.53
C VAL B 120 11.40 3.89 -14.43
N VAL B 121 12.66 3.86 -14.81
CA VAL B 121 13.72 3.38 -13.92
C VAL B 121 14.98 4.15 -14.22
N VAL B 122 15.76 4.43 -13.17
CA VAL B 122 17.07 5.04 -13.37
C VAL B 122 17.91 4.17 -14.29
N ASP B 123 18.60 4.82 -15.22
CA ASP B 123 19.57 4.14 -16.07
C ASP B 123 20.97 4.52 -15.60
N GLY B 124 21.77 3.51 -15.28
CA GLY B 124 23.07 3.74 -14.70
C GLY B 124 22.97 4.10 -13.23
N ASN B 125 23.82 3.50 -12.40
CA ASN B 125 24.00 4.01 -11.05
C ASN B 125 24.54 5.43 -11.12
N GLN B 126 23.77 6.38 -10.60
CA GLN B 126 24.16 7.79 -10.60
C GLN B 126 24.22 8.29 -9.16
N GLU B 127 24.81 9.46 -8.96
CA GLU B 127 24.54 10.24 -7.78
C GLU B 127 23.65 11.39 -8.21
N VAL B 128 22.44 11.42 -7.69
CA VAL B 128 21.41 12.35 -8.14
C VAL B 128 21.47 13.60 -7.26
N PRO B 129 21.60 14.79 -7.84
CA PRO B 129 21.59 16.00 -6.99
C PRO B 129 20.20 16.29 -6.47
N ALA B 130 20.04 17.43 -5.80
CA ALA B 130 18.74 17.82 -5.23
C ALA B 130 18.07 18.77 -6.20
N ASP B 131 17.12 18.24 -6.96
CA ASP B 131 16.35 19.04 -7.90
C ASP B 131 15.05 18.29 -8.14
N THR B 132 14.25 18.79 -9.07
CA THR B 132 13.07 18.08 -9.57
C THR B 132 13.19 18.03 -11.08
N TRP B 133 13.00 16.85 -11.66
CA TRP B 133 13.09 16.67 -13.11
C TRP B 133 11.72 16.35 -13.67
N THR B 134 11.28 17.17 -14.61
CA THR B 134 10.03 16.93 -15.31
C THR B 134 10.24 15.87 -16.38
N LEU B 135 9.36 14.87 -16.39
CA LEU B 135 9.34 13.83 -17.39
C LEU B 135 8.02 13.98 -18.14
N ASP B 136 8.02 14.74 -19.25
CA ASP B 136 6.85 14.77 -20.10
C ASP B 136 7.01 13.67 -21.13
N PHE B 137 6.01 12.81 -21.22
CA PHE B 137 6.09 11.67 -22.11
C PHE B 137 4.76 11.54 -22.82
N LYS B 138 4.72 10.67 -23.82
CA LYS B 138 3.58 10.57 -24.69
C LYS B 138 3.23 9.10 -24.86
N ALA B 139 1.95 8.81 -24.94
CA ALA B 139 1.45 7.46 -25.08
C ALA B 139 0.41 7.44 -26.17
N CYS B 140 0.39 6.38 -26.96
CA CYS B 140 -0.60 6.24 -28.02
C CYS B 140 -0.80 4.77 -28.31
N ALA B 141 -1.80 4.51 -29.15
CA ALA B 141 -2.07 3.16 -29.60
C ALA B 141 -1.55 3.00 -31.03
N LEU B 142 -1.30 1.75 -31.40
CA LEU B 142 -0.87 1.41 -32.73
C LEU B 142 -1.96 0.58 -33.40
N ALA B 143 -2.07 0.75 -34.71
CA ALA B 143 -3.22 0.23 -35.43
C ALA B 143 -3.11 -1.28 -35.66
N GLN B 144 -4.22 -1.82 -36.16
CA GLN B 144 -4.36 -3.24 -36.40
C GLN B 144 -3.41 -3.71 -37.50
N GLU B 145 -2.54 -4.67 -37.16
CA GLU B 145 -1.83 -5.45 -38.17
C GLU B 145 -1.26 -6.72 -37.55
N PHE B 154 0.64 -0.18 -38.45
CA PHE B 154 0.87 0.15 -37.04
C PHE B 154 1.05 1.65 -36.86
N LEU B 155 0.08 2.42 -37.36
CA LEU B 155 0.14 3.87 -37.34
C LEU B 155 -0.37 4.41 -36.01
N PRO B 156 -0.09 5.68 -35.70
CA PRO B 156 -0.55 6.27 -34.44
C PRO B 156 -1.93 6.90 -34.56
N ASN B 157 -2.76 6.62 -33.56
CA ASN B 157 -4.12 7.16 -33.53
C ASN B 157 -4.48 7.55 -32.12
N SER B 158 -5.12 8.72 -32.00
CA SER B 158 -5.48 9.35 -30.74
C SER B 158 -4.49 8.97 -29.65
N GLU B 159 -3.69 9.94 -29.27
CA GLU B 159 -2.56 9.79 -28.38
C GLU B 159 -2.89 10.51 -27.11
N GLN B 160 -2.05 10.35 -26.10
CA GLN B 160 -2.22 11.18 -24.93
C GLN B 160 -0.86 11.59 -24.37
N GLN B 161 -0.84 12.78 -23.77
CA GLN B 161 0.39 13.36 -23.27
C GLN B 161 0.20 13.72 -21.81
N LYS B 162 1.19 13.39 -20.98
CA LYS B 162 1.13 13.66 -19.56
C LYS B 162 2.50 14.08 -19.08
N SER B 163 2.55 15.05 -18.17
CA SER B 163 3.77 15.44 -17.50
C SER B 163 3.68 15.11 -16.02
N VAL B 164 4.84 14.87 -15.40
CA VAL B 164 4.91 14.58 -13.98
C VAL B 164 6.35 14.73 -13.52
N ASP B 165 6.52 15.14 -12.26
CA ASP B 165 7.81 15.51 -11.71
C ASP B 165 8.33 14.40 -10.80
N ILE B 166 9.57 14.02 -11.00
CA ILE B 166 10.31 13.22 -10.02
C ILE B 166 11.02 14.21 -9.12
N VAL B 167 10.98 13.98 -7.82
CA VAL B 167 11.62 14.86 -6.85
C VAL B 167 12.62 14.05 -6.04
N PHE B 168 13.84 14.56 -5.98
CA PHE B 168 14.88 14.03 -5.11
C PHE B 168 15.21 15.07 -4.06
N SER B 169 15.19 14.65 -2.79
CA SER B 169 15.28 15.57 -1.67
C SER B 169 16.43 15.16 -0.76
N SER B 170 16.99 16.13 -0.07
CA SER B 170 18.07 15.93 0.88
C SER B 170 17.77 16.79 2.10
N PRO B 171 18.34 16.45 3.26
CA PRO B 171 18.11 17.28 4.45
C PRO B 171 18.53 18.72 4.25
N GLN B 172 19.43 18.98 3.30
CA GLN B 172 19.97 20.30 3.06
C GLN B 172 19.16 21.09 2.05
N ASP B 173 18.02 20.55 1.59
CA ASP B 173 17.27 21.20 0.52
C ASP B 173 16.85 22.61 0.92
N LEU B 174 16.30 22.76 2.12
CA LEU B 174 16.11 24.08 2.70
C LEU B 174 17.01 24.17 3.91
N THR B 175 17.68 25.30 4.04
CA THR B 175 18.50 25.58 5.19
C THR B 175 17.74 26.56 6.07
N VAL B 176 17.42 26.11 7.27
CA VAL B 176 16.52 26.78 8.19
C VAL B 176 17.31 27.06 9.45
N SER B 177 16.94 28.13 10.15
CA SER B 177 17.50 28.40 11.47
C SER B 177 16.83 29.61 12.05
N LEU B 178 16.24 29.46 13.23
CA LEU B 178 15.52 30.55 13.89
C LEU B 178 16.21 30.91 15.19
N ILE B 179 16.42 32.22 15.36
CA ILE B 179 17.31 32.79 16.35
C ILE B 179 16.49 33.49 17.43
N PRO B 180 16.83 33.37 18.70
CA PRO B 180 16.11 34.15 19.73
C PRO B 180 16.52 35.60 19.64
N VAL B 181 15.54 36.48 19.83
CA VAL B 181 15.72 37.92 19.66
C VAL B 181 16.41 38.50 20.89
N SER B 182 17.12 39.62 20.68
CA SER B 182 18.02 40.17 21.68
C SER B 182 17.28 41.12 22.61
N GLY B 183 17.54 40.99 23.91
CA GLY B 183 17.02 41.90 24.91
C GLY B 183 15.61 41.58 25.34
N LEU B 184 15.29 40.29 25.51
CA LEU B 184 14.00 39.88 26.04
C LEU B 184 13.95 40.07 27.55
N LYS B 185 12.77 40.41 28.05
CA LYS B 185 12.55 40.63 29.47
C LYS B 185 11.23 40.04 29.93
N ALA B 186 11.15 39.82 31.24
CA ALA B 186 9.87 39.62 31.90
C ALA B 186 9.20 40.98 31.88
N GLY B 187 8.15 41.17 32.67
CA GLY B 187 7.37 42.39 32.54
C GLY B 187 6.42 42.24 31.38
N LYS B 188 5.22 42.79 31.52
CA LYS B 188 4.18 42.56 30.52
C LYS B 188 4.60 43.12 29.17
N ASN B 189 4.49 42.28 28.14
CA ASN B 189 4.93 42.64 26.80
C ASN B 189 3.74 43.00 25.93
N ALA B 190 4.04 43.50 24.73
CA ALA B 190 3.02 43.98 23.81
C ALA B 190 2.19 42.81 23.27
N PRO B 191 0.99 43.10 22.75
CA PRO B 191 0.23 42.04 22.07
C PRO B 191 1.07 41.45 20.95
N SER B 192 1.15 40.12 20.92
CA SER B 192 1.91 39.41 19.90
C SER B 192 3.38 39.82 19.95
N ALA B 193 3.94 39.90 21.15
CA ALA B 193 5.33 40.29 21.29
C ALA B 193 6.23 39.29 20.57
N LYS B 194 7.13 39.80 19.73
CA LYS B 194 7.92 38.96 18.84
C LYS B 194 9.15 38.42 19.57
N ILE B 195 9.31 37.10 19.52
CA ILE B 195 10.34 36.42 20.30
C ILE B 195 11.44 35.78 19.47
N ALA B 196 11.22 35.46 18.20
CA ALA B 196 12.27 34.84 17.40
C ALA B 196 12.06 35.18 15.93
N LYS B 197 13.06 34.80 15.13
CA LYS B 197 13.04 35.03 13.68
C LYS B 197 13.20 33.68 13.00
N LEU B 198 12.16 33.23 12.29
CA LEU B 198 12.21 31.99 11.52
C LEU B 198 12.58 32.33 10.09
N VAL B 199 13.72 31.82 9.65
CA VAL B 199 14.18 32.00 8.29
C VAL B 199 14.35 30.64 7.67
N VAL B 200 13.63 30.41 6.58
CA VAL B 200 13.70 29.20 5.78
C VAL B 200 14.01 29.62 4.36
N ASN B 201 15.13 29.18 3.83
CA ASN B 201 15.53 29.55 2.48
C ASN B 201 15.96 28.30 1.72
N SER B 202 15.68 28.32 0.42
CA SER B 202 15.96 27.20 -0.47
C SER B 202 15.88 27.69 -1.90
N THR B 203 16.71 27.10 -2.75
CA THR B 203 16.62 27.30 -4.18
C THR B 203 16.15 26.05 -4.91
N THR B 204 15.94 24.96 -4.18
CA THR B 204 15.42 23.72 -4.76
C THR B 204 13.90 23.64 -4.60
N LEU B 205 13.42 23.87 -3.38
CA LEU B 205 12.00 23.74 -3.06
C LEU B 205 11.38 25.12 -2.99
N LYS B 206 10.13 25.22 -3.44
CA LYS B 206 9.44 26.52 -3.47
C LYS B 206 8.65 26.80 -2.22
N GLU B 207 8.36 25.78 -1.42
CA GLU B 207 7.48 25.93 -0.26
C GLU B 207 7.93 25.00 0.85
N PHE B 208 7.44 25.30 2.04
CA PHE B 208 7.70 24.47 3.20
C PHE B 208 6.52 24.60 4.15
N GLY B 209 6.37 23.61 5.02
CA GLY B 209 5.39 23.70 6.08
C GLY B 209 6.09 23.76 7.42
N VAL B 210 5.41 24.25 8.46
CA VAL B 210 6.05 24.39 9.75
C VAL B 210 5.03 24.21 10.86
N ARG B 211 5.41 23.45 11.88
CA ARG B 211 4.62 23.30 13.10
C ARG B 211 5.53 23.37 14.32
N GLY B 212 4.97 23.88 15.42
CA GLY B 212 5.62 23.76 16.70
C GLY B 212 5.45 22.36 17.29
N ILE B 213 6.38 21.99 18.17
CA ILE B 213 6.33 20.71 18.86
C ILE B 213 6.19 21.01 20.35
N SER B 214 5.04 20.63 20.92
CA SER B 214 4.79 20.86 22.34
C SER B 214 3.73 19.89 22.81
N ASN B 215 3.77 19.59 24.11
CA ASN B 215 2.74 18.75 24.72
C ASN B 215 1.36 19.39 24.67
N ASN B 216 1.27 20.69 24.35
CA ASN B 216 0.00 21.42 24.36
C ASN B 216 -0.05 22.31 23.12
N VAL B 217 -0.51 21.73 22.04
CA VAL B 217 -0.86 22.48 20.84
C VAL B 217 -2.31 22.89 20.98
N VAL B 218 -2.63 24.11 20.56
CA VAL B 218 -3.95 24.68 20.78
C VAL B 218 -4.65 25.03 19.48
N ASP B 219 -4.07 24.64 18.34
CA ASP B 219 -4.64 24.95 17.05
C ASP B 219 -4.54 23.76 16.12
N SER B 220 -5.44 23.74 15.14
CA SER B 220 -5.51 22.61 14.21
C SER B 220 -4.23 22.47 13.40
N THR B 221 -3.56 23.58 13.09
CA THR B 221 -2.44 23.60 12.18
C THR B 221 -1.08 23.61 12.87
N GLY B 222 -1.04 23.60 14.20
CA GLY B 222 0.23 23.64 14.90
C GLY B 222 0.93 24.99 14.88
N THR B 223 0.19 26.07 14.70
CA THR B 223 0.77 27.42 14.66
C THR B 223 0.65 28.16 15.99
N ALA B 224 0.26 27.48 17.06
CA ALA B 224 0.14 28.11 18.37
C ALA B 224 0.21 27.04 19.44
N TRP B 225 1.16 27.16 20.36
CA TRP B 225 1.31 26.19 21.44
C TRP B 225 1.82 26.91 22.67
N ARG B 226 1.91 26.18 23.77
CA ARG B 226 2.36 26.75 25.02
C ARG B 226 3.41 25.83 25.64
N VAL B 227 4.40 26.41 26.32
CA VAL B 227 5.57 25.67 26.79
C VAL B 227 5.95 26.15 28.19
N ALA B 228 6.45 25.23 29.01
CA ALA B 228 6.80 25.52 30.39
C ALA B 228 8.27 25.91 30.51
N GLY B 229 8.55 26.87 31.38
CA GLY B 229 9.90 27.32 31.59
C GLY B 229 10.77 26.25 32.23
N LYS B 230 12.05 26.22 31.83
CA LYS B 230 12.94 25.14 32.23
C LYS B 230 13.11 25.09 33.75
N ASN B 231 13.21 26.26 34.40
CA ASN B 231 13.43 26.31 35.84
C ASN B 231 12.14 26.28 36.64
N THR B 232 11.14 27.05 36.18
CA THR B 232 9.90 27.23 36.94
C THR B 232 8.84 26.19 36.62
N GLY B 233 8.69 25.83 35.35
CA GLY B 233 7.53 25.10 34.91
C GLY B 233 6.38 25.98 34.45
N LYS B 234 6.57 27.31 34.47
CA LYS B 234 5.51 28.23 34.08
C LYS B 234 5.37 28.28 32.57
N GLU B 235 4.13 28.51 32.13
CA GLU B 235 3.73 28.33 30.75
C GLU B 235 3.62 29.68 30.03
N ILE B 236 4.04 29.71 28.76
CA ILE B 236 3.85 30.85 27.89
C ILE B 236 3.10 30.43 26.64
N GLY B 237 2.35 31.37 26.09
CA GLY B 237 1.64 31.15 24.84
C GLY B 237 2.41 31.75 23.70
N VAL B 238 2.77 30.91 22.71
CA VAL B 238 3.52 31.34 21.56
C VAL B 238 2.80 30.88 20.30
N GLY B 239 3.22 31.45 19.18
CA GLY B 239 2.66 31.08 17.91
C GLY B 239 3.06 32.08 16.83
N LEU B 240 2.39 31.97 15.70
CA LEU B 240 2.69 32.76 14.53
C LEU B 240 1.92 34.07 14.55
N SER B 241 2.56 35.13 14.06
CA SER B 241 1.94 36.44 14.05
C SER B 241 0.76 36.49 13.07
N SER B 242 -0.16 37.42 13.33
CA SER B 242 -1.28 37.61 12.43
C SER B 242 -0.80 37.90 11.01
N ASP B 243 0.40 38.46 10.87
CA ASP B 243 0.95 38.80 9.57
C ASP B 243 1.81 37.70 8.96
N SER B 244 2.35 36.78 9.77
CA SER B 244 3.02 35.61 9.23
C SER B 244 2.03 34.57 8.71
N LEU B 245 0.88 34.43 9.38
CA LEU B 245 -0.13 33.47 8.93
C LEU B 245 -0.75 33.92 7.63
N ARG B 246 -0.82 35.23 7.45
CA ARG B 246 -1.49 35.89 6.37
C ARG B 246 -0.67 35.83 5.08
N ARG B 247 0.56 35.33 5.17
CA ARG B 247 1.44 35.06 4.03
C ARG B 247 1.43 33.59 3.59
N SER B 248 0.48 32.78 4.05
CA SER B 248 0.51 31.34 3.82
C SER B 248 -0.07 30.95 2.47
N ASP B 249 0.58 29.99 1.80
CA ASP B 249 0.16 29.56 0.47
C ASP B 249 -1.08 28.67 0.50
N SER B 250 -1.11 27.69 1.41
CA SER B 250 -2.29 26.83 1.56
C SER B 250 -2.08 25.97 2.80
N THR B 251 -3.15 25.28 3.19
CA THR B 251 -3.09 24.32 4.29
C THR B 251 -3.32 22.93 3.72
N GLU B 252 -2.35 22.05 3.91
CA GLU B 252 -2.41 20.69 3.38
C GLU B 252 -2.43 19.71 4.55
N LYS B 253 -3.10 18.60 4.34
CA LYS B 253 -3.14 17.53 5.33
C LYS B 253 -2.11 16.47 4.97
N TRP B 254 -1.35 16.04 5.97
CA TRP B 254 -0.34 15.00 5.81
C TRP B 254 -0.41 14.03 6.98
N ASN B 255 -0.91 12.82 6.72
CA ASN B 255 -1.11 11.79 7.75
C ASN B 255 -1.91 12.33 8.93
N GLY B 256 -3.08 12.88 8.62
CA GLY B 256 -4.03 13.30 9.62
C GLY B 256 -3.73 14.64 10.26
N VAL B 257 -2.55 15.21 10.00
CA VAL B 257 -2.14 16.47 10.59
C VAL B 257 -2.22 17.55 9.52
N ASN B 258 -2.78 18.69 9.91
CA ASN B 258 -2.86 19.84 9.03
C ASN B 258 -1.58 20.65 9.18
N TRP B 259 -0.99 21.00 8.05
CA TRP B 259 0.26 21.75 7.99
C TRP B 259 0.02 22.98 7.14
N MET B 260 0.42 24.14 7.65
CA MET B 260 0.42 25.34 6.84
C MET B 260 1.71 25.42 6.05
N THR B 261 1.59 25.84 4.79
CA THR B 261 2.71 25.89 3.87
C THR B 261 3.00 27.34 3.52
N PHE B 262 4.29 27.64 3.30
CA PHE B 262 4.73 29.01 3.07
C PHE B 262 5.74 29.03 1.95
N ASN B 263 5.81 30.18 1.28
CA ASN B 263 6.81 30.37 0.24
C ASN B 263 8.19 30.32 0.87
N SER B 264 9.06 29.46 0.34
CA SER B 264 10.44 29.50 0.77
C SER B 264 11.06 30.84 0.35
N ASN B 265 12.20 31.16 0.95
CA ASN B 265 12.79 32.49 0.83
C ASN B 265 11.84 33.53 1.43
N ASP B 266 11.54 33.33 2.70
CA ASP B 266 10.70 34.24 3.47
C ASP B 266 11.02 34.01 4.94
N THR B 267 10.47 34.87 5.79
CA THR B 267 10.72 34.80 7.21
C THR B 267 9.42 34.99 7.98
N LEU B 268 9.17 34.09 8.93
CA LEU B 268 8.00 34.17 9.81
C LEU B 268 8.51 34.29 11.23
N ASP B 269 7.79 35.00 12.09
CA ASP B 269 8.23 35.22 13.44
C ASP B 269 7.21 34.73 14.46
N ILE B 270 7.71 34.06 15.49
CA ILE B 270 6.89 33.51 16.55
C ILE B 270 6.68 34.59 17.61
N VAL B 271 5.45 34.73 18.07
CA VAL B 271 5.07 35.83 18.95
C VAL B 271 4.42 35.25 20.20
N LEU B 272 4.16 36.13 21.17
CA LEU B 272 3.38 35.76 22.35
C LEU B 272 1.91 35.90 21.95
N THR B 273 1.26 34.77 21.71
CA THR B 273 -0.04 34.80 21.06
C THR B 273 -1.06 35.52 21.92
N GLY B 274 -2.14 35.95 21.27
CA GLY B 274 -3.31 36.46 21.96
C GLY B 274 -3.08 37.81 22.61
N PRO B 275 -3.88 38.13 23.62
CA PRO B 275 -3.71 39.40 24.34
C PRO B 275 -2.33 39.50 24.96
N ALA B 276 -2.04 40.68 25.51
CA ALA B 276 -0.76 40.88 26.18
C ALA B 276 -0.66 40.00 27.42
N GLN B 277 0.36 39.15 27.44
CA GLN B 277 0.68 38.31 28.58
C GLN B 277 1.80 39.00 29.35
N ASN B 278 1.87 38.76 30.65
CA ASN B 278 3.15 38.95 31.33
C ASN B 278 3.71 37.61 31.77
N VAL B 279 4.95 37.37 31.37
CA VAL B 279 5.60 36.08 31.44
C VAL B 279 6.60 36.11 32.60
N THR B 280 6.55 35.07 33.43
CA THR B 280 7.53 34.93 34.50
C THR B 280 8.93 34.81 33.90
N ALA B 281 9.90 35.49 34.51
CA ALA B 281 11.27 35.44 34.02
C ALA B 281 11.83 34.03 34.11
N ASP B 282 12.20 33.47 32.96
CA ASP B 282 12.63 32.09 32.89
C ASP B 282 13.21 31.85 31.50
N THR B 283 13.66 30.61 31.27
CA THR B 283 14.12 30.17 29.95
C THR B 283 13.06 29.24 29.38
N TYR B 284 12.57 29.55 28.18
CA TYR B 284 11.48 28.80 27.56
C TYR B 284 11.99 28.13 26.30
N PRO B 285 11.76 26.83 26.12
CA PRO B 285 12.23 26.17 24.90
C PRO B 285 11.20 26.23 23.79
N ILE B 286 11.58 26.85 22.67
CA ILE B 286 10.77 26.83 21.46
C ILE B 286 11.34 25.75 20.55
N THR B 287 10.46 24.98 19.92
CA THR B 287 10.89 23.87 19.09
C THR B 287 10.02 23.79 17.86
N LEU B 288 10.63 23.77 16.68
CA LEU B 288 9.89 23.80 15.44
C LEU B 288 10.19 22.60 14.56
N ASP B 289 9.17 22.19 13.81
CA ASP B 289 9.25 21.15 12.80
C ASP B 289 9.06 21.79 11.44
N VAL B 290 10.06 21.71 10.58
CA VAL B 290 10.04 22.36 9.26
C VAL B 290 10.21 21.29 8.20
N VAL B 291 9.34 21.31 7.19
CA VAL B 291 9.35 20.32 6.12
C VAL B 291 9.22 21.03 4.79
N GLY B 292 9.96 20.56 3.79
CA GLY B 292 9.84 21.10 2.45
C GLY B 292 8.58 20.54 1.78
N TYR B 293 7.94 21.37 0.96
CA TYR B 293 6.69 21.00 0.34
C TYR B 293 6.76 21.27 -1.16
N GLN B 294 6.40 20.26 -1.95
CA GLN B 294 6.33 20.39 -3.40
C GLN B 294 4.88 20.60 -3.81
N PRO B 295 4.49 21.80 -4.26
CA PRO B 295 3.08 22.03 -4.60
C PRO B 295 2.71 21.39 -5.93
N ASP B 296 1.41 21.13 -6.09
CA ASP B 296 0.88 20.53 -7.30
C ASP B 296 -0.64 20.63 -7.24
N ASN B 297 -1.25 21.18 -8.30
CA ASN B 297 -2.63 21.63 -8.21
C ASN B 297 -3.60 20.49 -7.93
N LYS B 298 -3.25 19.24 -8.22
CA LYS B 298 -4.09 18.14 -7.79
C LYS B 298 -3.80 17.78 -6.34
N GLN B 299 -2.57 17.36 -6.05
CA GLN B 299 -2.18 17.06 -4.67
C GLN B 299 -0.67 17.14 -4.59
N GLY B 300 -0.17 18.21 -3.97
CA GLY B 300 1.24 18.32 -3.69
C GLY B 300 1.61 17.36 -2.58
N SER B 301 2.92 17.13 -2.44
CA SER B 301 3.40 16.20 -1.42
C SER B 301 4.47 16.86 -0.56
N PHE B 302 4.45 16.54 0.69
CA PHE B 302 5.48 16.97 1.56
C PHE B 302 6.64 16.05 1.32
N LEU B 303 7.84 16.51 1.54
CA LEU B 303 8.98 15.65 1.32
C LEU B 303 9.71 15.47 2.57
N PRO B 304 9.55 14.35 3.22
CA PRO B 304 10.19 14.22 4.49
C PRO B 304 11.68 14.10 4.53
N ASN B 305 12.42 13.86 3.49
CA ASN B 305 13.81 13.74 3.62
C ASN B 305 14.35 15.06 3.83
N SER B 306 13.59 16.07 3.57
CA SER B 306 14.02 17.44 3.74
C SER B 306 13.74 17.98 5.14
N GLU B 307 13.21 17.15 6.04
CA GLU B 307 12.67 17.63 7.30
C GLU B 307 13.79 17.98 8.28
N GLN B 308 13.55 19.03 9.07
CA GLN B 308 14.48 19.49 10.08
C GLN B 308 13.71 19.90 11.33
N GLN B 309 14.18 19.46 12.49
CA GLN B 309 13.64 19.89 13.76
C GLN B 309 14.67 20.73 14.51
N LYS B 310 14.23 21.84 15.08
CA LYS B 310 15.11 22.76 15.78
C LYS B 310 14.50 23.22 17.09
N SER B 311 15.37 23.37 18.08
CA SER B 311 14.98 23.86 19.40
C SER B 311 16.06 24.83 19.85
N VAL B 312 15.64 25.99 20.34
CA VAL B 312 16.55 26.95 20.92
C VAL B 312 15.88 27.52 22.16
N ASP B 313 16.70 28.00 23.09
CA ASP B 313 16.25 28.45 24.38
C ASP B 313 15.99 29.95 24.37
N ILE B 314 14.83 30.36 24.88
CA ILE B 314 14.44 31.76 24.98
C ILE B 314 14.67 32.18 26.40
N VAL B 315 15.54 33.16 26.63
CA VAL B 315 15.85 33.60 27.98
C VAL B 315 15.07 34.87 28.25
N PHE B 316 14.15 34.80 29.22
CA PHE B 316 13.47 35.98 29.74
C PHE B 316 14.15 36.28 31.06
N SER B 317 15.12 37.19 31.02
CA SER B 317 15.82 37.58 32.23
C SER B 317 15.02 38.64 32.96
N SER B 318 15.33 38.80 34.21
CA SER B 318 14.55 39.73 35.01
C SER B 318 15.15 41.13 34.92
N PRO B 319 14.32 42.18 34.96
CA PRO B 319 14.88 43.54 34.94
C PRO B 319 15.40 43.88 36.33
N GLN B 320 16.71 44.06 36.43
CA GLN B 320 17.36 44.23 37.72
C GLN B 320 16.88 45.52 38.40
N ASP B 321 15.57 45.63 38.63
CA ASP B 321 14.96 46.82 39.19
C ASP B 321 14.84 46.70 40.70
N LEU B 322 14.77 47.87 41.33
CA LEU B 322 14.66 48.00 42.79
C LEU B 322 13.22 48.35 43.14
N THR B 323 12.44 47.36 43.57
CA THR B 323 11.13 47.65 44.16
C THR B 323 11.37 48.35 45.49
N VAL B 324 11.11 49.65 45.54
CA VAL B 324 11.43 50.46 46.71
C VAL B 324 10.20 51.26 47.11
N SER B 325 9.87 51.24 48.39
CA SER B 325 8.78 52.04 48.92
C SER B 325 9.29 52.89 50.07
N LEU B 326 9.08 54.20 49.97
CA LEU B 326 9.26 55.08 51.11
C LEU B 326 7.93 55.78 51.34
N ILE B 327 7.41 55.64 52.55
CA ILE B 327 6.07 56.07 52.92
C ILE B 327 6.24 56.82 54.25
N PRO B 328 5.60 57.97 54.42
CA PRO B 328 5.89 58.79 55.60
C PRO B 328 5.33 58.17 56.88
N VAL B 329 6.05 58.43 57.97
CA VAL B 329 5.48 58.16 59.28
C VAL B 329 4.23 59.01 59.41
N SER B 330 3.24 58.48 60.12
CA SER B 330 1.96 59.15 60.28
C SER B 330 1.77 59.58 61.74
N GLY B 331 1.03 60.68 61.93
CA GLY B 331 0.77 61.18 63.26
C GLY B 331 1.83 62.12 63.81
N LEU B 332 2.49 62.89 62.95
CA LEU B 332 3.48 63.85 63.39
C LEU B 332 2.80 65.11 63.88
N LYS B 333 3.33 65.72 64.94
CA LYS B 333 2.74 66.93 65.51
C LYS B 333 3.78 68.03 65.51
N ALA B 334 3.31 69.27 65.35
CA ALA B 334 4.18 70.42 65.33
C ALA B 334 4.85 70.64 66.69
N GLY B 335 5.84 71.53 66.70
CA GLY B 335 6.59 71.89 67.88
C GLY B 335 7.90 71.14 68.01
N LYS B 336 8.44 71.17 69.23
CA LYS B 336 9.73 70.55 69.52
C LYS B 336 9.54 69.03 69.57
N ASN B 337 10.30 68.32 68.73
CA ASN B 337 10.22 66.87 68.60
C ASN B 337 11.51 66.25 69.12
N ALA B 338 11.48 64.92 69.29
CA ALA B 338 12.61 64.25 69.87
C ALA B 338 13.82 64.35 68.94
N PRO B 339 15.04 64.40 69.48
CA PRO B 339 16.23 64.41 68.62
C PRO B 339 16.29 63.17 67.75
N SER B 340 16.50 63.38 66.44
CA SER B 340 16.62 62.28 65.50
C SER B 340 15.36 61.40 65.52
N ALA B 341 14.21 62.05 65.56
CA ALA B 341 12.91 61.36 65.58
C ALA B 341 12.57 60.83 64.20
N LYS B 342 12.00 59.62 64.15
CA LYS B 342 11.79 58.95 62.86
C LYS B 342 10.74 59.72 62.06
N ILE B 343 11.14 60.09 60.85
CA ILE B 343 10.35 60.93 59.96
C ILE B 343 9.78 60.13 58.80
N ALA B 344 10.54 59.16 58.30
CA ALA B 344 10.17 58.39 57.13
C ALA B 344 10.79 57.01 57.28
N LYS B 345 10.20 56.03 56.60
CA LYS B 345 10.70 54.66 56.65
C LYS B 345 10.86 54.17 55.22
N LEU B 346 12.09 53.82 54.86
CA LEU B 346 12.46 53.46 53.50
C LEU B 346 12.84 52.00 53.49
N VAL B 347 12.33 51.25 52.51
CA VAL B 347 12.56 49.82 52.40
C VAL B 347 12.99 49.49 50.99
N VAL B 348 14.19 48.94 50.86
CA VAL B 348 14.84 48.66 49.58
C VAL B 348 14.82 47.15 49.37
N ASN B 349 13.92 46.66 48.54
CA ASN B 349 13.89 45.26 48.20
C ASN B 349 14.42 45.06 46.79
N SER B 350 15.44 44.21 46.65
CA SER B 350 16.06 43.93 45.37
C SER B 350 16.15 42.43 45.20
N THR B 351 15.71 41.94 44.04
CA THR B 351 15.83 40.52 43.78
C THR B 351 17.16 40.13 43.14
N THR B 352 17.93 41.09 42.59
CA THR B 352 19.01 40.64 41.72
C THR B 352 20.38 41.19 42.08
N LEU B 353 20.49 42.44 42.52
CA LEU B 353 21.77 43.12 42.60
C LEU B 353 22.03 43.70 43.99
N LYS B 354 23.32 43.78 44.33
CA LYS B 354 23.81 44.05 45.68
C LYS B 354 24.04 45.54 45.94
N GLU B 355 24.67 46.28 45.02
CA GLU B 355 24.96 47.69 45.27
C GLU B 355 23.69 48.51 45.11
N PHE B 356 23.23 49.13 46.20
CA PHE B 356 22.25 50.21 46.09
C PHE B 356 22.70 51.34 47.01
N GLY B 357 22.76 52.55 46.45
CA GLY B 357 23.07 53.74 47.21
C GLY B 357 21.88 54.69 47.25
N VAL B 358 22.00 55.74 48.07
CA VAL B 358 20.90 56.68 48.20
C VAL B 358 21.48 58.05 48.55
N ARG B 359 20.85 59.09 48.00
CA ARG B 359 21.25 60.46 48.26
C ARG B 359 19.98 61.29 48.34
N GLY B 360 20.00 62.31 49.20
CA GLY B 360 18.93 63.29 49.19
C GLY B 360 19.11 64.29 48.08
N ILE B 361 17.98 64.72 47.51
CA ILE B 361 17.97 65.76 46.48
C ILE B 361 17.27 66.97 47.07
N SER B 362 17.96 68.10 47.10
CA SER B 362 17.40 69.32 47.67
C SER B 362 18.28 70.49 47.24
N ASN B 363 17.82 71.70 47.57
CA ASN B 363 18.59 72.91 47.34
C ASN B 363 19.75 73.10 48.31
N ASN B 364 19.82 72.34 49.41
CA ASN B 364 20.92 72.50 50.35
C ASN B 364 21.26 71.14 50.95
N VAL B 365 22.39 70.58 50.54
CA VAL B 365 22.91 69.34 51.11
C VAL B 365 23.91 69.69 52.21
N VAL B 366 23.94 68.87 53.27
CA VAL B 366 24.67 69.24 54.49
C VAL B 366 26.00 68.50 54.60
N ASP B 367 26.07 67.31 54.05
CA ASP B 367 27.30 66.53 54.01
C ASP B 367 27.62 66.19 52.56
N SER B 368 28.84 65.73 52.33
CA SER B 368 29.23 65.34 50.97
C SER B 368 28.26 64.29 50.42
N THR B 369 27.98 63.27 51.24
CA THR B 369 27.34 62.05 50.77
C THR B 369 25.87 62.25 50.44
N GLY B 370 25.28 63.38 50.81
CA GLY B 370 23.87 63.57 50.57
C GLY B 370 22.96 62.84 51.53
N THR B 371 23.49 62.37 52.66
CA THR B 371 22.68 61.62 53.62
C THR B 371 22.04 62.53 54.65
N ALA B 372 22.34 63.83 54.60
CA ALA B 372 21.65 64.82 55.41
C ALA B 372 21.49 66.06 54.54
N TRP B 373 20.29 66.62 54.56
CA TRP B 373 19.99 67.78 53.74
C TRP B 373 18.74 68.43 54.34
N ARG B 374 18.24 69.45 53.65
CA ARG B 374 17.24 70.33 54.22
C ARG B 374 16.12 70.56 53.21
N VAL B 375 14.89 70.63 53.71
CA VAL B 375 13.68 70.60 52.90
C VAL B 375 12.77 71.74 53.29
N ALA B 376 12.14 72.39 52.31
CA ALA B 376 11.26 73.51 52.56
C ALA B 376 9.80 73.05 52.48
N GLY B 377 9.00 73.52 53.43
CA GLY B 377 7.60 73.15 53.47
C GLY B 377 6.78 73.73 52.34
N LYS B 378 5.77 72.97 51.91
CA LYS B 378 4.90 73.41 50.82
C LYS B 378 4.10 74.65 51.22
N ASN B 379 3.40 74.58 52.35
CA ASN B 379 2.57 75.70 52.80
C ASN B 379 3.40 76.83 53.40
N THR B 380 4.31 76.50 54.32
CA THR B 380 5.02 77.55 55.05
C THR B 380 6.30 78.02 54.36
N GLY B 381 7.01 77.13 53.69
CA GLY B 381 8.29 77.48 53.11
C GLY B 381 9.40 77.57 54.12
N LYS B 382 9.12 77.26 55.39
CA LYS B 382 10.17 77.10 56.37
C LYS B 382 10.74 75.68 56.28
N GLU B 383 11.94 75.50 56.81
CA GLU B 383 12.71 74.31 56.52
C GLU B 383 12.89 73.43 57.75
N ILE B 384 13.20 72.17 57.48
CA ILE B 384 13.63 71.21 58.49
C ILE B 384 14.82 70.44 57.93
N GLY B 385 15.65 69.92 58.83
CA GLY B 385 16.81 69.16 58.44
C GLY B 385 16.55 67.67 58.56
N VAL B 386 16.62 66.97 57.44
CA VAL B 386 16.33 65.55 57.38
C VAL B 386 17.58 64.81 56.90
N GLY B 387 17.63 63.52 57.23
CA GLY B 387 18.74 62.69 56.83
C GLY B 387 18.58 61.31 57.42
N LEU B 388 19.40 60.40 56.92
CA LEU B 388 19.40 59.03 57.41
C LEU B 388 19.82 59.02 58.88
N SER B 389 19.20 58.14 59.68
CA SER B 389 19.50 58.11 61.11
C SER B 389 20.91 57.63 61.44
N SER B 390 21.44 58.13 62.56
CA SER B 390 22.80 57.78 62.99
C SER B 390 22.96 56.28 63.20
N ASP B 391 21.99 55.64 63.84
CA ASP B 391 22.05 54.19 63.98
C ASP B 391 22.00 53.49 62.63
N SER B 392 21.27 54.06 61.68
CA SER B 392 21.05 53.40 60.39
C SER B 392 22.25 53.51 59.44
N LEU B 393 23.08 54.56 59.55
CA LEU B 393 24.25 54.66 58.68
C LEU B 393 25.37 53.70 59.02
N ARG B 394 25.58 53.38 60.29
CA ARG B 394 26.63 52.41 60.62
C ARG B 394 26.24 51.05 60.03
N ARG B 395 25.15 51.01 59.24
CA ARG B 395 24.85 49.88 58.39
C ARG B 395 25.31 50.06 56.95
N SER B 396 26.04 51.13 56.62
CA SER B 396 26.53 51.31 55.26
C SER B 396 27.77 50.45 55.05
N ASP B 397 27.82 49.75 53.91
CA ASP B 397 28.98 48.91 53.60
C ASP B 397 30.21 49.76 53.30
N SER B 398 30.07 50.76 52.43
CA SER B 398 31.18 51.59 52.02
C SER B 398 30.65 52.96 51.59
N THR B 399 31.54 53.79 51.06
CA THR B 399 31.18 55.10 50.51
C THR B 399 32.05 55.32 49.28
N GLU B 400 31.41 55.38 48.10
CA GLU B 400 32.19 55.40 46.87
C GLU B 400 31.62 56.46 45.92
N LYS B 401 32.39 56.72 44.86
CA LYS B 401 32.16 57.84 43.94
C LYS B 401 31.59 57.37 42.61
N TRP B 402 30.53 58.04 42.18
CA TRP B 402 29.93 57.87 40.86
C TRP B 402 29.56 59.25 40.34
N ASN B 403 30.05 59.58 39.15
CA ASN B 403 29.88 60.90 38.54
C ASN B 403 30.54 62.01 39.36
N GLY B 404 31.55 61.67 40.17
CA GLY B 404 32.23 62.64 40.99
C GLY B 404 31.54 63.02 42.28
N VAL B 405 30.33 62.53 42.51
CA VAL B 405 29.60 62.79 43.75
C VAL B 405 29.61 61.51 44.56
N ASN B 406 29.53 61.65 45.89
CA ASN B 406 29.65 60.49 46.78
C ASN B 406 28.28 59.93 47.16
N TRP B 407 28.23 58.60 47.19
CA TRP B 407 27.03 57.84 47.52
C TRP B 407 27.37 56.86 48.62
N MET B 408 26.52 56.78 49.65
CA MET B 408 26.71 55.77 50.68
C MET B 408 26.03 54.49 50.24
N THR B 409 26.81 53.42 50.11
CA THR B 409 26.30 52.12 49.71
C THR B 409 25.74 51.36 50.89
N PHE B 410 24.81 50.45 50.60
CA PHE B 410 24.28 49.51 51.57
C PHE B 410 24.21 48.14 50.91
N ASN B 411 23.66 47.17 51.60
CA ASN B 411 23.28 45.90 50.98
C ASN B 411 21.76 45.79 50.95
N SER B 412 21.23 45.22 49.87
CA SER B 412 19.81 45.31 49.53
C SER B 412 18.95 44.46 50.46
N ASN B 413 17.63 44.70 50.36
CA ASN B 413 16.58 44.17 51.22
C ASN B 413 16.67 44.74 52.64
N ASP B 414 17.58 45.67 52.90
CA ASP B 414 17.63 46.39 54.15
C ASP B 414 16.53 47.45 54.24
N THR B 415 16.11 47.77 55.45
CA THR B 415 15.17 48.86 55.70
C THR B 415 15.90 50.00 56.41
N LEU B 416 15.80 51.21 55.85
CA LEU B 416 16.46 52.39 56.38
C LEU B 416 15.46 53.34 57.05
N ASP B 417 15.97 54.13 57.98
CA ASP B 417 15.18 55.15 58.67
C ASP B 417 15.73 56.51 58.32
N ILE B 418 14.84 57.42 57.99
CA ILE B 418 15.15 58.83 57.82
C ILE B 418 14.71 59.52 59.10
N VAL B 419 15.44 60.55 59.52
CA VAL B 419 15.16 61.25 60.78
C VAL B 419 15.41 62.74 60.64
N LEU B 420 14.92 63.47 61.64
CA LEU B 420 15.22 64.88 61.85
C LEU B 420 16.63 64.98 62.38
N THR B 421 17.54 65.55 61.60
CA THR B 421 18.95 65.48 61.92
C THR B 421 19.28 66.37 63.12
N GLY B 422 20.41 66.07 63.74
CA GLY B 422 21.01 66.98 64.69
C GLY B 422 20.17 67.21 65.94
N PRO B 423 20.25 68.42 66.50
CA PRO B 423 19.53 68.73 67.75
C PRO B 423 18.02 68.69 67.60
N ALA B 424 17.31 68.91 68.71
CA ALA B 424 15.85 69.00 68.66
C ALA B 424 15.44 70.13 67.72
N GLN B 425 14.29 69.94 67.07
CA GLN B 425 13.82 70.85 66.03
C GLN B 425 12.39 71.29 66.32
N ASN B 426 12.09 72.55 66.01
CA ASN B 426 10.74 73.10 66.15
C ASN B 426 10.09 73.17 64.78
N VAL B 427 9.22 72.21 64.48
CA VAL B 427 8.63 72.06 63.16
C VAL B 427 7.27 72.74 63.13
N THR B 428 7.08 73.62 62.16
CA THR B 428 5.77 74.22 61.93
C THR B 428 4.87 73.21 61.23
N ALA B 429 3.58 73.24 61.57
CA ALA B 429 2.63 72.36 60.92
C ALA B 429 2.59 72.62 59.42
N ASP B 430 2.89 71.59 58.62
CA ASP B 430 2.98 71.76 57.16
C ASP B 430 3.13 70.39 56.50
N THR B 431 3.26 70.43 55.18
CA THR B 431 3.58 69.29 54.32
C THR B 431 4.96 69.52 53.71
N TYR B 432 5.87 68.56 53.87
CA TYR B 432 7.27 68.71 53.46
C TYR B 432 7.64 67.74 52.35
N PRO B 433 7.94 68.20 51.11
CA PRO B 433 8.32 67.27 50.04
C PRO B 433 9.75 66.78 50.21
N ILE B 434 9.89 65.53 50.60
CA ILE B 434 11.16 64.82 50.75
C ILE B 434 11.40 63.99 49.50
N THR B 435 12.64 63.96 49.01
CA THR B 435 12.92 63.21 47.77
C THR B 435 14.31 62.58 47.81
N LEU B 436 14.36 61.27 47.57
CA LEU B 436 15.59 60.50 47.57
C LEU B 436 15.86 59.95 46.17
N ASP B 437 17.06 59.43 45.95
CA ASP B 437 17.36 58.72 44.72
C ASP B 437 18.22 57.49 45.00
N VAL B 438 17.82 56.36 44.45
CA VAL B 438 18.51 55.09 44.62
C VAL B 438 19.18 54.72 43.30
N VAL B 439 20.34 54.04 43.39
CA VAL B 439 21.05 53.61 42.19
C VAL B 439 21.68 52.24 42.38
N GLY B 440 21.66 51.45 41.31
CA GLY B 440 22.35 50.17 41.26
C GLY B 440 23.75 50.13 40.65
N TYR B 441 24.02 50.95 39.64
CA TYR B 441 25.13 50.68 38.72
C TYR B 441 26.48 51.04 39.33
N GLN B 442 27.52 50.44 38.76
CA GLN B 442 28.90 50.67 39.17
C GLN B 442 29.68 51.38 38.08
N GLN B 456 16.66 56.39 39.10
CA GLN B 456 15.29 56.26 39.56
C GLN B 456 15.20 56.95 40.92
N GLN B 457 14.33 57.95 41.00
CA GLN B 457 14.14 58.74 42.21
C GLN B 457 12.68 58.71 42.62
N LYS B 458 12.41 58.55 43.92
CA LYS B 458 11.05 58.55 44.42
C LYS B 458 10.91 59.58 45.54
N SER B 459 9.71 60.13 45.66
CA SER B 459 9.47 61.35 46.42
C SER B 459 8.19 61.23 47.23
N VAL B 460 8.25 61.67 48.48
CA VAL B 460 7.12 61.65 49.42
C VAL B 460 6.72 63.08 49.77
N ASP B 461 5.54 63.20 50.39
CA ASP B 461 5.17 64.36 51.18
C ASP B 461 5.10 63.92 52.64
N ILE B 462 5.54 64.80 53.55
CA ILE B 462 5.42 64.55 54.98
C ILE B 462 4.65 65.68 55.63
N VAL B 463 3.64 65.31 56.43
CA VAL B 463 2.73 66.26 57.06
C VAL B 463 3.00 66.29 58.55
N PHE B 464 3.20 67.49 59.10
CA PHE B 464 3.22 67.74 60.52
C PHE B 464 1.96 68.52 60.93
N SER B 465 1.49 68.26 62.14
CA SER B 465 0.21 68.81 62.60
C SER B 465 0.20 68.95 64.12
N GLU C 23 9.81 16.89 30.64
CA GLU C 23 8.69 16.19 31.27
C GLU C 23 7.43 16.37 30.41
N LYS C 24 7.20 15.52 29.42
CA LYS C 24 8.11 14.42 29.05
C LYS C 24 8.31 14.35 27.53
N LEU C 25 8.88 13.24 27.08
CA LEU C 25 9.52 13.22 25.78
C LEU C 25 8.51 13.40 24.66
N GLN C 26 8.97 14.05 23.59
CA GLN C 26 8.16 14.27 22.40
C GLN C 26 8.99 13.74 21.25
N THR C 27 8.71 12.52 20.82
CA THR C 27 9.40 11.95 19.70
C THR C 27 8.50 12.03 18.48
N THR C 28 9.10 12.23 17.33
CA THR C 28 8.44 12.07 16.06
C THR C 28 9.30 11.13 15.22
N LEU C 29 8.65 10.21 14.52
CA LEU C 29 9.36 9.14 13.85
C LEU C 29 8.60 8.78 12.59
N ARG C 30 9.19 9.06 11.44
CA ARG C 30 8.55 8.89 10.15
C ARG C 30 9.17 7.74 9.40
N VAL C 31 8.33 6.79 9.04
CA VAL C 31 8.73 5.62 8.29
C VAL C 31 8.46 5.86 6.81
N GLY C 32 9.12 5.09 5.96
CA GLY C 32 8.84 5.12 4.54
C GLY C 32 7.73 4.16 4.11
N THR C 33 7.13 4.49 2.96
CA THR C 33 6.05 3.71 2.35
C THR C 33 6.48 3.14 1.01
N TYR C 34 7.11 3.96 0.18
CA TYR C 34 7.66 3.67 -1.14
C TYR C 34 8.58 2.46 -1.26
N PHE C 35 8.67 1.60 -0.24
CA PHE C 35 9.67 0.54 -0.22
C PHE C 35 9.22 -0.63 -1.10
N ARG C 36 10.03 -0.94 -2.11
CA ARG C 36 9.81 -2.07 -3.01
C ARG C 36 10.66 -3.25 -2.54
N ALA C 37 10.00 -4.37 -2.26
CA ALA C 37 10.72 -5.60 -1.93
C ALA C 37 11.82 -5.86 -2.96
N GLY C 38 12.94 -6.40 -2.47
CA GLY C 38 14.08 -6.62 -3.34
C GLY C 38 15.44 -6.27 -2.78
N HIS C 39 16.26 -5.66 -3.63
CA HIS C 39 17.65 -5.36 -3.35
C HIS C 39 17.76 -3.98 -2.71
N VAL C 40 18.50 -3.87 -1.61
CA VAL C 40 18.65 -2.63 -0.87
C VAL C 40 20.12 -2.26 -0.84
N PRO C 41 20.50 -1.01 -1.12
CA PRO C 41 21.88 -0.59 -0.84
C PRO C 41 22.03 -0.32 0.64
N ASP C 42 23.13 -0.79 1.23
CA ASP C 42 23.41 -0.47 2.62
C ASP C 42 23.52 1.05 2.76
N GLY C 43 22.92 1.58 3.82
CA GLY C 43 22.82 3.02 4.01
C GLY C 43 21.48 3.61 3.65
N MET C 44 20.58 2.83 3.06
CA MET C 44 19.25 3.32 2.71
C MET C 44 18.48 3.59 3.99
N VAL C 45 18.04 4.84 4.18
CA VAL C 45 17.26 5.17 5.36
C VAL C 45 15.87 4.55 5.24
N LEU C 46 15.39 3.98 6.35
CA LEU C 46 14.02 3.51 6.42
C LEU C 46 13.14 4.37 7.30
N ALA C 47 13.70 5.00 8.33
CA ALA C 47 12.94 5.89 9.18
C ALA C 47 13.88 6.97 9.68
N GLN C 48 13.32 8.15 9.92
CA GLN C 48 14.03 9.25 10.55
C GLN C 48 13.28 9.68 11.81
N GLY C 49 14.02 9.97 12.86
CA GLY C 49 13.43 10.26 14.15
C GLY C 49 14.12 11.41 14.85
N TRP C 50 13.36 12.09 15.70
CA TRP C 50 13.88 13.17 16.52
C TRP C 50 13.41 12.96 17.96
N VAL C 51 14.29 13.24 18.91
CA VAL C 51 13.96 13.21 20.33
C VAL C 51 14.02 14.63 20.86
N THR C 52 13.08 14.97 21.74
CA THR C 52 13.03 16.32 22.33
C THR C 52 12.72 16.18 23.81
N TYR C 53 13.68 16.56 24.67
CA TYR C 53 13.48 16.59 26.11
C TYR C 53 14.00 17.95 26.58
N HIS C 54 13.19 18.66 27.36
CA HIS C 54 13.49 20.05 27.71
C HIS C 54 14.05 20.22 29.12
N GLY C 55 13.84 19.26 30.01
CA GLY C 55 14.41 19.29 31.35
C GLY C 55 15.92 19.20 31.36
N SER C 56 16.50 18.87 32.52
CA SER C 56 17.95 18.74 32.65
C SER C 56 18.38 17.38 32.13
N HIS C 57 19.40 17.38 31.28
CA HIS C 57 19.86 16.18 30.62
C HIS C 57 21.20 16.49 29.97
N SER C 58 21.92 15.44 29.59
CA SER C 58 23.12 15.61 28.79
C SER C 58 23.11 14.75 27.53
N GLY C 59 22.08 13.91 27.34
CA GLY C 59 22.02 13.13 26.13
C GLY C 59 20.75 12.31 26.05
N PHE C 60 20.73 11.39 25.08
CA PHE C 60 19.59 10.52 24.83
C PHE C 60 20.08 9.09 24.56
N ARG C 61 19.21 8.12 24.82
CA ARG C 61 19.53 6.72 24.61
C ARG C 61 18.33 6.08 23.95
N VAL C 62 18.53 5.50 22.77
CA VAL C 62 17.46 4.80 22.06
C VAL C 62 17.91 3.39 21.77
N TRP C 63 17.04 2.43 22.10
CA TRP C 63 17.34 1.01 22.02
C TRP C 63 16.02 0.28 21.86
N SER C 64 16.11 -1.02 21.57
CA SER C 64 14.94 -1.87 21.42
C SER C 64 15.23 -3.20 22.10
N ASP C 65 14.28 -4.13 22.00
CA ASP C 65 14.39 -5.47 22.59
C ASP C 65 14.55 -6.59 21.57
N GLU C 66 14.46 -6.30 20.27
CA GLU C 66 14.53 -7.30 19.19
C GLU C 66 15.96 -7.60 18.69
N GLN C 67 17.00 -7.37 19.49
CA GLN C 67 18.38 -7.41 18.99
C GLN C 67 19.03 -8.79 19.07
N LYS C 68 19.98 -9.03 18.16
CA LYS C 68 20.72 -10.29 18.05
C LYS C 68 22.08 -10.19 18.76
N ALA C 69 22.23 -10.93 19.85
CA ALA C 69 23.53 -11.24 20.46
C ALA C 69 24.08 -10.09 21.31
N GLY C 70 23.82 -8.84 20.92
CA GLY C 70 24.26 -7.71 21.72
C GLY C 70 25.71 -7.29 21.60
N ASN C 71 26.47 -7.81 20.63
CA ASN C 71 27.84 -7.32 20.48
C ASN C 71 27.92 -6.17 19.51
N THR C 72 26.97 -6.10 18.57
CA THR C 72 26.69 -4.87 17.83
C THR C 72 25.34 -4.41 18.37
N PRO C 73 25.32 -3.71 19.50
CA PRO C 73 24.04 -3.46 20.20
C PRO C 73 23.15 -2.45 19.51
N THR C 74 23.60 -1.88 18.39
CA THR C 74 22.84 -0.92 17.61
C THR C 74 21.98 -1.54 16.52
N VAL C 75 22.22 -2.80 16.15
CA VAL C 75 21.61 -3.40 14.97
C VAL C 75 20.51 -4.34 15.41
N LEU C 76 19.39 -4.31 14.70
CA LEU C 76 18.22 -5.12 15.05
C LEU C 76 17.85 -5.92 13.82
N LEU C 77 17.57 -7.20 14.01
CA LEU C 77 17.06 -8.03 12.92
C LEU C 77 15.61 -8.35 13.23
N LEU C 78 14.75 -8.08 12.26
CA LEU C 78 13.30 -8.03 12.45
C LEU C 78 12.58 -9.11 11.64
N SER C 79 11.57 -9.70 12.29
CA SER C 79 10.75 -10.73 11.71
C SER C 79 9.45 -10.14 11.21
N GLY C 80 9.06 -10.51 9.98
CA GLY C 80 7.84 -10.00 9.41
C GLY C 80 6.62 -10.64 10.04
N GLN C 81 5.48 -9.98 9.87
CA GLN C 81 4.25 -10.49 10.49
C GLN C 81 3.70 -11.69 9.73
N GLN C 82 3.48 -11.53 8.41
CA GLN C 82 2.83 -12.57 7.62
C GLN C 82 3.51 -13.93 7.82
N ASP C 83 4.83 -13.96 7.92
CA ASP C 83 5.52 -15.21 8.18
C ASP C 83 6.79 -14.92 8.99
N PRO C 84 6.93 -15.48 10.19
CA PRO C 84 8.05 -15.09 11.05
C PRO C 84 9.43 -15.43 10.46
N ARG C 85 9.48 -16.26 9.42
CA ARG C 85 10.73 -16.68 8.80
C ARG C 85 11.38 -15.59 7.95
N HIS C 86 10.65 -14.53 7.60
CA HIS C 86 11.25 -13.41 6.87
C HIS C 86 12.05 -12.51 7.80
N HIS C 87 13.19 -12.03 7.33
CA HIS C 87 14.16 -11.33 8.17
C HIS C 87 14.72 -10.11 7.46
N ILE C 88 14.69 -8.95 8.13
CA ILE C 88 15.43 -7.77 7.73
C ILE C 88 16.21 -7.26 8.94
N GLN C 89 17.46 -6.84 8.73
CA GLN C 89 18.28 -6.26 9.79
C GLN C 89 18.62 -4.81 9.46
N VAL C 90 18.33 -3.92 10.41
CA VAL C 90 18.61 -2.50 10.28
C VAL C 90 19.32 -2.07 11.55
N ARG C 91 19.78 -0.82 11.57
CA ARG C 91 20.60 -0.35 12.68
C ARG C 91 20.32 1.11 12.99
N LEU C 92 20.36 1.44 14.29
CA LEU C 92 20.14 2.79 14.78
C LEU C 92 21.42 3.60 14.69
N GLU C 93 21.50 4.51 13.71
CA GLU C 93 22.58 5.48 13.62
C GLU C 93 22.09 6.86 14.02
N GLY C 94 22.91 7.85 13.73
CA GLY C 94 22.63 9.27 13.93
C GLY C 94 23.97 9.93 14.13
N GLU C 95 24.08 11.17 13.66
CA GLU C 95 25.35 11.87 13.72
C GLU C 95 25.71 12.15 15.17
N GLY C 96 26.83 11.58 15.63
CA GLY C 96 27.30 11.73 16.98
C GLY C 96 26.94 10.59 17.90
N TRP C 97 26.02 9.72 17.50
CA TRP C 97 25.55 8.63 18.35
C TRP C 97 26.53 7.46 18.27
N GLN C 98 26.91 6.93 19.41
CA GLN C 98 27.75 5.75 19.47
C GLN C 98 27.03 4.59 20.15
N PRO C 99 27.48 3.36 19.93
CA PRO C 99 26.84 2.21 20.57
C PRO C 99 26.88 2.35 22.09
N ASP C 100 25.97 1.63 22.74
CA ASP C 100 25.86 1.66 24.19
C ASP C 100 26.91 0.75 24.81
N THR C 101 28.12 1.29 24.92
CA THR C 101 29.21 0.56 25.56
C THR C 101 28.91 0.32 27.04
N VAL C 102 28.15 1.22 27.68
CA VAL C 102 27.99 1.14 29.12
C VAL C 102 27.16 -0.09 29.52
N SER C 103 25.94 -0.22 28.99
CA SER C 103 25.10 -1.36 29.33
C SER C 103 25.30 -2.55 28.40
N GLY C 104 25.48 -2.28 27.10
CA GLY C 104 25.55 -3.34 26.10
C GLY C 104 24.38 -3.45 25.14
N ARG C 105 23.39 -2.56 25.21
CA ARG C 105 22.27 -2.57 24.26
C ARG C 105 21.89 -1.14 23.88
N GLY C 106 21.88 -0.87 22.57
CA GLY C 106 21.37 0.39 22.04
C GLY C 106 22.47 1.39 21.72
N ALA C 107 22.03 2.63 21.40
CA ALA C 107 22.93 3.71 21.06
C ALA C 107 22.59 4.98 21.85
N ILE C 108 23.62 5.82 22.04
CA ILE C 108 23.54 7.03 22.84
C ILE C 108 24.07 8.26 22.12
N LEU C 109 23.49 9.41 22.44
CA LEU C 109 24.07 10.72 22.17
C LEU C 109 24.25 11.45 23.49
N ARG C 110 25.31 12.26 23.58
CA ARG C 110 25.59 13.10 24.74
C ARG C 110 25.63 14.56 24.30
N THR C 111 24.66 15.35 24.75
CA THR C 111 24.75 16.81 24.66
C THR C 111 23.49 17.35 25.32
N ALA C 112 23.55 18.56 25.88
CA ALA C 112 22.40 19.13 26.56
C ALA C 112 21.47 19.88 25.63
N ALA C 113 21.73 19.78 24.32
CA ALA C 113 20.80 20.30 23.32
C ALA C 113 19.48 19.55 23.46
N ASP C 114 18.38 20.28 23.43
CA ASP C 114 17.10 19.67 23.72
C ASP C 114 16.60 18.74 22.61
N ASN C 115 17.21 18.76 21.43
CA ASN C 115 16.67 18.04 20.28
C ASN C 115 17.78 17.45 19.44
N ALA C 116 17.64 16.18 19.06
CA ALA C 116 18.63 15.50 18.25
C ALA C 116 17.92 14.59 17.24
N SER C 117 18.59 14.36 16.11
CA SER C 117 18.02 13.57 15.03
C SER C 117 18.79 12.27 14.88
N PHE C 118 18.14 11.28 14.28
CA PHE C 118 18.76 9.98 14.08
C PHE C 118 18.00 9.23 13.01
N SER C 119 18.70 8.30 12.36
CA SER C 119 18.14 7.52 11.27
C SER C 119 18.17 6.05 11.61
N VAL C 120 17.20 5.32 11.06
CA VAL C 120 17.22 3.87 11.03
C VAL C 120 17.53 3.47 9.59
N VAL C 121 18.42 2.51 9.43
CA VAL C 121 19.01 2.26 8.12
C VAL C 121 19.39 0.78 7.99
N VAL C 122 19.26 0.28 6.76
CA VAL C 122 19.70 -1.08 6.44
C VAL C 122 21.15 -1.29 6.81
N ASP C 123 21.45 -2.42 7.46
CA ASP C 123 22.82 -2.88 7.65
C ASP C 123 23.02 -4.14 6.82
N GLY C 124 24.05 -4.14 5.98
CA GLY C 124 24.25 -5.22 5.04
C GLY C 124 23.31 -5.06 3.86
N ASN C 125 23.83 -5.19 2.64
CA ASN C 125 22.95 -5.36 1.50
C ASN C 125 22.20 -6.67 1.67
N GLN C 126 20.88 -6.58 1.76
CA GLN C 126 20.06 -7.75 2.02
C GLN C 126 19.11 -8.02 0.88
N GLU C 127 18.47 -9.17 1.00
CA GLU C 127 17.30 -9.52 0.22
C GLU C 127 16.11 -9.26 1.11
N VAL C 128 15.35 -8.22 0.81
CA VAL C 128 14.17 -7.85 1.59
C VAL C 128 12.94 -8.38 0.87
N PRO C 129 12.20 -9.31 1.44
CA PRO C 129 10.98 -9.81 0.79
C PRO C 129 9.80 -8.88 0.96
N ALA C 130 8.63 -9.38 0.59
CA ALA C 130 7.39 -8.61 0.68
C ALA C 130 6.73 -8.96 2.01
N ASP C 131 6.86 -8.07 2.98
CA ASP C 131 6.26 -8.25 4.29
C ASP C 131 6.12 -6.89 4.96
N THR C 132 5.73 -6.91 6.22
CA THR C 132 5.77 -5.73 7.08
C THR C 132 6.52 -6.11 8.35
N TRP C 133 7.51 -5.31 8.73
CA TRP C 133 8.30 -5.56 9.93
C TRP C 133 8.00 -4.47 10.94
N THR C 134 7.56 -4.86 12.12
CA THR C 134 7.29 -3.91 13.19
C THR C 134 8.60 -3.54 13.88
N LEU C 135 8.85 -2.24 14.03
CA LEU C 135 10.04 -1.75 14.73
C LEU C 135 9.60 -0.92 15.93
N ASP C 136 9.53 -1.54 17.10
CA ASP C 136 9.29 -0.83 18.36
C ASP C 136 10.61 -0.42 19.01
N PHE C 137 10.71 0.86 19.37
CA PHE C 137 11.92 1.45 19.92
C PHE C 137 11.57 2.29 21.15
N LYS C 138 12.61 2.75 21.84
CA LYS C 138 12.49 3.46 23.11
C LYS C 138 13.39 4.69 23.09
N ALA C 139 12.94 5.77 23.72
CA ALA C 139 13.72 7.02 23.78
C ALA C 139 13.69 7.58 25.19
N CYS C 140 14.84 8.06 25.67
CA CYS C 140 14.95 8.62 27.01
C CYS C 140 16.15 9.57 27.08
N ALA C 141 16.30 10.22 28.23
CA ALA C 141 17.43 11.08 28.56
C ALA C 141 18.34 10.42 29.61
N LEU C 142 19.56 10.95 29.71
CA LEU C 142 20.54 10.54 30.72
C LEU C 142 20.81 11.65 31.72
N ALA C 143 21.07 11.25 32.96
CA ALA C 143 21.28 12.19 34.04
C ALA C 143 22.74 12.66 34.09
N GLN C 144 22.97 13.66 34.95
CA GLN C 144 24.32 14.16 35.26
C GLN C 144 24.17 15.37 36.19
N ASN C 157 15.93 8.99 33.98
CA ASN C 157 15.35 7.65 34.03
C ASN C 157 13.82 7.66 33.98
N SER C 158 13.26 8.39 32.99
CA SER C 158 11.81 8.47 32.82
C SER C 158 11.55 8.78 31.35
N GLU C 159 10.96 7.83 30.63
CA GLU C 159 10.89 7.86 29.17
C GLU C 159 9.49 7.58 28.64
N GLN C 160 9.35 7.70 27.31
CA GLN C 160 8.24 7.11 26.58
C GLN C 160 8.77 6.48 25.29
N GLN C 161 8.08 5.44 24.83
CA GLN C 161 8.50 4.63 23.69
C GLN C 161 7.39 4.54 22.65
N LYS C 162 7.79 4.26 21.40
CA LYS C 162 6.88 4.16 20.26
C LYS C 162 7.20 2.94 19.42
N SER C 163 6.16 2.38 18.83
CA SER C 163 6.28 1.31 17.85
C SER C 163 5.85 1.83 16.47
N VAL C 164 6.41 1.23 15.41
CA VAL C 164 6.02 1.61 14.05
C VAL C 164 6.53 0.55 13.09
N ASP C 165 5.77 0.34 12.00
CA ASP C 165 5.98 -0.75 11.07
C ASP C 165 6.57 -0.27 9.75
N ILE C 166 7.60 -0.97 9.30
CA ILE C 166 8.16 -0.84 7.96
C ILE C 166 7.41 -1.78 7.03
N VAL C 167 7.06 -1.28 5.84
CA VAL C 167 6.39 -2.08 4.82
C VAL C 167 7.20 -2.05 3.54
N PHE C 168 7.52 -3.23 3.03
CA PHE C 168 8.09 -3.42 1.70
C PHE C 168 7.06 -4.14 0.84
N SER C 169 6.78 -3.60 -0.33
CA SER C 169 5.68 -4.07 -1.17
C SER C 169 6.20 -4.48 -2.52
N SER C 170 5.48 -5.39 -3.16
CA SER C 170 5.83 -5.95 -4.45
C SER C 170 4.61 -5.99 -5.36
N PRO C 171 4.81 -6.00 -6.68
CA PRO C 171 3.66 -6.18 -7.58
C PRO C 171 2.89 -7.47 -7.30
N GLN C 172 3.51 -8.46 -6.68
CA GLN C 172 2.87 -9.72 -6.37
C GLN C 172 2.22 -9.76 -4.99
N ASP C 173 2.26 -8.65 -4.24
CA ASP C 173 1.65 -8.65 -2.91
C ASP C 173 0.17 -8.98 -3.00
N LEU C 174 -0.49 -8.49 -4.04
CA LEU C 174 -1.88 -8.82 -4.30
C LEU C 174 -1.99 -9.75 -5.49
N THR C 175 -2.78 -10.80 -5.35
CA THR C 175 -3.15 -11.67 -6.45
C THR C 175 -4.58 -11.31 -6.78
N VAL C 176 -4.81 -10.80 -7.98
CA VAL C 176 -6.13 -10.31 -8.35
C VAL C 176 -6.58 -11.10 -9.56
N SER C 177 -7.89 -11.26 -9.67
CA SER C 177 -8.47 -12.01 -10.79
C SER C 177 -9.84 -11.42 -11.07
N LEU C 178 -10.05 -11.04 -12.32
CA LEU C 178 -11.32 -10.48 -12.74
C LEU C 178 -11.93 -11.46 -13.73
N ILE C 179 -13.10 -11.98 -13.37
CA ILE C 179 -13.72 -13.08 -14.05
C ILE C 179 -15.03 -12.57 -14.66
N PRO C 180 -15.20 -12.63 -15.98
CA PRO C 180 -16.48 -12.24 -16.56
C PRO C 180 -17.49 -13.36 -16.45
N VAL C 181 -18.75 -13.00 -16.23
CA VAL C 181 -19.77 -14.03 -16.09
C VAL C 181 -20.11 -14.54 -17.48
N SER C 182 -20.40 -15.82 -17.57
CA SER C 182 -20.55 -16.49 -18.86
C SER C 182 -22.01 -16.45 -19.29
N GLY C 183 -22.23 -16.11 -20.54
CA GLY C 183 -23.54 -16.28 -21.12
C GLY C 183 -24.55 -15.22 -20.76
N LEU C 184 -24.13 -13.95 -20.73
CA LEU C 184 -25.11 -12.89 -20.59
C LEU C 184 -25.82 -12.76 -21.94
N LYS C 185 -27.08 -12.37 -21.88
CA LYS C 185 -27.88 -12.25 -23.10
C LYS C 185 -28.35 -10.80 -23.19
N ALA C 186 -28.54 -10.34 -24.42
CA ALA C 186 -28.99 -8.98 -24.65
C ALA C 186 -30.46 -8.88 -24.29
N GLY C 187 -31.07 -7.74 -24.59
CA GLY C 187 -32.42 -7.49 -24.13
C GLY C 187 -32.43 -7.07 -22.68
N LYS C 188 -33.62 -6.81 -22.18
CA LYS C 188 -33.78 -6.36 -20.81
C LYS C 188 -33.20 -7.37 -19.82
N ASN C 189 -32.30 -6.90 -18.97
CA ASN C 189 -31.64 -7.72 -17.97
C ASN C 189 -32.21 -7.41 -16.59
N ALA C 190 -31.78 -8.21 -15.61
CA ALA C 190 -32.25 -8.05 -14.24
C ALA C 190 -31.69 -6.79 -13.61
N PRO C 191 -32.38 -6.25 -12.60
CA PRO C 191 -31.79 -5.16 -11.82
C PRO C 191 -30.50 -5.63 -11.15
N SER C 192 -29.46 -4.82 -11.26
CA SER C 192 -28.18 -5.13 -10.62
C SER C 192 -27.67 -6.48 -11.10
N ALA C 193 -27.87 -6.75 -12.38
CA ALA C 193 -27.44 -8.02 -12.97
C ALA C 193 -25.92 -8.13 -12.91
N LYS C 194 -25.45 -9.31 -12.52
CA LYS C 194 -24.04 -9.51 -12.27
C LYS C 194 -23.32 -9.81 -13.58
N ILE C 195 -22.33 -8.98 -13.94
CA ILE C 195 -21.64 -9.16 -15.21
C ILE C 195 -20.18 -9.55 -15.04
N ALA C 196 -19.57 -9.28 -13.88
CA ALA C 196 -18.24 -9.77 -13.60
C ALA C 196 -18.06 -9.89 -12.09
N LYS C 197 -17.00 -10.60 -11.71
CA LYS C 197 -16.64 -10.83 -10.31
C LYS C 197 -15.18 -10.51 -10.10
N LEU C 198 -14.90 -9.59 -9.18
CA LEU C 198 -13.54 -9.22 -8.78
C LEU C 198 -13.12 -10.03 -7.56
N VAL C 199 -12.02 -10.78 -7.69
CA VAL C 199 -11.46 -11.54 -6.59
C VAL C 199 -10.05 -11.03 -6.33
N VAL C 200 -9.79 -10.60 -5.10
CA VAL C 200 -8.47 -10.10 -4.69
C VAL C 200 -8.04 -10.90 -3.47
N ASN C 201 -6.86 -11.51 -3.54
CA ASN C 201 -6.32 -12.33 -2.47
C ASN C 201 -4.92 -11.86 -2.13
N SER C 202 -4.54 -12.05 -0.86
CA SER C 202 -3.22 -11.62 -0.40
C SER C 202 -2.88 -12.30 0.91
N THR C 203 -1.60 -12.58 1.08
CA THR C 203 -1.06 -13.03 2.35
C THR C 203 -0.15 -11.99 3.00
N THR C 204 0.15 -10.90 2.29
CA THR C 204 0.94 -9.80 2.83
C THR C 204 0.11 -8.63 3.32
N LEU C 205 -0.81 -8.16 2.50
CA LEU C 205 -1.56 -6.94 2.80
C LEU C 205 -2.94 -7.30 3.33
N LYS C 206 -3.44 -6.47 4.24
CA LYS C 206 -4.75 -6.75 4.83
C LYS C 206 -5.90 -6.12 4.06
N GLU C 207 -5.62 -5.15 3.19
CA GLU C 207 -6.68 -4.41 2.53
C GLU C 207 -6.23 -3.95 1.15
N PHE C 208 -7.22 -3.57 0.34
CA PHE C 208 -6.97 -3.02 -0.99
C PHE C 208 -8.09 -2.04 -1.32
N GLY C 209 -7.80 -1.14 -2.25
CA GLY C 209 -8.82 -0.25 -2.79
C GLY C 209 -9.03 -0.54 -4.27
N VAL C 210 -10.17 -0.12 -4.81
CA VAL C 210 -10.48 -0.43 -6.20
C VAL C 210 -11.33 0.69 -6.76
N ARG C 211 -11.01 1.10 -7.99
CA ARG C 211 -11.81 2.04 -8.75
C ARG C 211 -11.93 1.54 -10.17
N GLY C 212 -13.05 1.87 -10.81
CA GLY C 212 -13.14 1.68 -12.23
C GLY C 212 -12.34 2.73 -12.96
N ILE C 213 -11.89 2.37 -14.16
CA ILE C 213 -11.14 3.25 -15.03
C ILE C 213 -11.97 3.46 -16.28
N SER C 214 -12.44 4.68 -16.48
CA SER C 214 -13.26 4.97 -17.63
C SER C 214 -13.23 6.45 -17.90
N ASN C 215 -13.43 6.82 -19.17
CA ASN C 215 -13.58 8.23 -19.52
C ASN C 215 -14.82 8.82 -18.91
N ASN C 216 -15.73 7.99 -18.34
CA ASN C 216 -17.02 8.46 -17.84
C ASN C 216 -17.31 7.73 -16.52
N VAL C 217 -16.71 8.22 -15.43
CA VAL C 217 -17.00 7.77 -14.07
C VAL C 217 -18.11 8.64 -13.51
N VAL C 218 -19.01 8.05 -12.72
CA VAL C 218 -20.22 8.75 -12.30
C VAL C 218 -20.36 8.86 -10.78
N ASP C 219 -19.35 8.46 -10.01
CA ASP C 219 -19.38 8.71 -8.57
C ASP C 219 -17.98 9.09 -8.09
N SER C 220 -17.95 9.79 -6.95
CA SER C 220 -16.70 10.32 -6.42
C SER C 220 -15.68 9.23 -6.16
N THR C 221 -16.14 8.02 -5.88
CA THR C 221 -15.27 6.92 -5.47
C THR C 221 -14.88 5.99 -6.61
N GLY C 222 -15.34 6.24 -7.83
CA GLY C 222 -14.96 5.40 -8.94
C GLY C 222 -15.49 3.99 -8.89
N THR C 223 -16.56 3.78 -8.12
CA THR C 223 -17.19 2.48 -7.97
C THR C 223 -18.43 2.35 -8.85
N ALA C 224 -18.61 3.30 -9.76
CA ALA C 224 -19.74 3.30 -10.70
C ALA C 224 -19.34 4.13 -11.89
N TRP C 225 -19.40 3.54 -13.08
CA TRP C 225 -19.01 4.22 -14.31
C TRP C 225 -19.83 3.64 -15.46
N ARG C 226 -19.57 4.16 -16.66
CA ARG C 226 -20.24 3.72 -17.87
C ARG C 226 -19.22 3.22 -18.86
N VAL C 227 -19.65 2.27 -19.69
CA VAL C 227 -18.76 1.55 -20.58
C VAL C 227 -19.47 1.43 -21.93
N ALA C 228 -18.73 1.65 -23.00
CA ALA C 228 -19.29 1.63 -24.35
C ALA C 228 -18.98 0.31 -25.05
N GLY C 229 -19.95 -0.21 -25.79
CA GLY C 229 -19.74 -1.43 -26.54
C GLY C 229 -18.77 -1.23 -27.69
N LYS C 230 -17.94 -2.26 -27.94
CA LYS C 230 -16.88 -2.14 -28.94
C LYS C 230 -17.45 -2.00 -30.34
N ASN C 231 -18.49 -2.77 -30.67
CA ASN C 231 -19.02 -2.78 -32.03
C ASN C 231 -20.11 -1.74 -32.23
N THR C 232 -21.01 -1.58 -31.26
CA THR C 232 -22.16 -0.70 -31.37
C THR C 232 -21.86 0.72 -30.90
N GLY C 233 -21.09 0.85 -29.82
CA GLY C 233 -20.89 2.13 -29.17
C GLY C 233 -21.91 2.49 -28.11
N LYS C 234 -22.88 1.62 -27.84
CA LYS C 234 -23.92 1.92 -26.87
C LYS C 234 -23.38 1.73 -25.46
N GLU C 235 -23.93 2.51 -24.53
CA GLU C 235 -23.38 2.58 -23.18
C GLU C 235 -24.22 1.73 -22.24
N ILE C 236 -23.55 1.06 -21.32
CA ILE C 236 -24.20 0.40 -20.21
C ILE C 236 -23.58 0.96 -18.93
N GLY C 237 -24.37 0.96 -17.86
CA GLY C 237 -23.92 1.41 -16.57
C GLY C 237 -23.49 0.22 -15.73
N VAL C 238 -22.23 0.27 -15.27
CA VAL C 238 -21.65 -0.80 -14.48
C VAL C 238 -21.11 -0.20 -13.19
N GLY C 239 -20.78 -1.08 -12.26
CA GLY C 239 -20.19 -0.65 -11.01
C GLY C 239 -20.24 -1.78 -10.00
N LEU C 240 -19.97 -1.41 -8.76
CA LEU C 240 -19.95 -2.37 -7.67
C LEU C 240 -21.38 -2.55 -7.16
N SER C 241 -21.71 -3.79 -6.79
CA SER C 241 -23.05 -4.08 -6.32
C SER C 241 -23.29 -3.41 -4.98
N SER C 242 -24.56 -3.11 -4.70
CA SER C 242 -24.90 -2.48 -3.44
C SER C 242 -24.41 -3.30 -2.25
N ASP C 243 -24.33 -4.62 -2.40
CA ASP C 243 -23.88 -5.47 -1.31
C ASP C 243 -22.37 -5.67 -1.33
N SER C 244 -21.71 -5.44 -2.46
CA SER C 244 -20.26 -5.32 -2.43
C SER C 244 -19.85 -4.02 -1.78
N LEU C 245 -20.65 -2.98 -1.94
CA LEU C 245 -20.33 -1.67 -1.37
C LEU C 245 -20.41 -1.65 0.15
N ARG C 246 -21.31 -2.42 0.75
CA ARG C 246 -21.40 -2.38 2.20
C ARG C 246 -20.32 -3.21 2.87
N ARG C 247 -19.52 -3.93 2.08
CA ARG C 247 -18.41 -4.70 2.60
C ARG C 247 -17.13 -3.87 2.68
N SER C 248 -17.23 -2.56 2.47
CA SER C 248 -16.05 -1.70 2.43
C SER C 248 -15.70 -1.29 3.86
N ASP C 249 -14.41 -1.36 4.17
CA ASP C 249 -13.95 -1.01 5.51
C ASP C 249 -13.97 0.50 5.70
N SER C 250 -13.58 1.26 4.69
CA SER C 250 -13.55 2.72 4.79
C SER C 250 -13.36 3.31 3.39
N THR C 251 -13.48 4.64 3.33
CA THR C 251 -13.21 5.40 2.12
C THR C 251 -12.04 6.34 2.42
N GLU C 252 -10.98 6.22 1.64
CA GLU C 252 -9.76 6.98 1.86
C GLU C 252 -9.51 7.92 0.69
N LYS C 253 -8.87 9.05 0.99
CA LYS C 253 -8.46 10.01 -0.03
C LYS C 253 -7.00 9.73 -0.35
N TRP C 254 -6.68 9.66 -1.64
CA TRP C 254 -5.31 9.40 -2.07
C TRP C 254 -5.00 10.30 -3.27
N ASN C 255 -4.19 11.33 -3.04
CA ASN C 255 -3.86 12.31 -4.07
C ASN C 255 -5.12 12.89 -4.71
N GLY C 256 -6.03 13.37 -3.86
CA GLY C 256 -7.20 14.08 -4.30
C GLY C 256 -8.36 13.24 -4.78
N VAL C 257 -8.15 11.94 -4.98
CA VAL C 257 -9.19 11.03 -5.46
C VAL C 257 -9.61 10.10 -4.33
N ASN C 258 -10.91 9.86 -4.24
CA ASN C 258 -11.48 8.99 -3.22
C ASN C 258 -11.38 7.53 -3.63
N TRP C 259 -10.91 6.69 -2.72
CA TRP C 259 -10.79 5.25 -2.94
C TRP C 259 -11.50 4.54 -1.80
N MET C 260 -12.37 3.60 -2.14
CA MET C 260 -12.97 2.74 -1.14
C MET C 260 -12.05 1.54 -0.91
N THR C 261 -11.96 1.13 0.34
CA THR C 261 -11.05 0.06 0.73
C THR C 261 -11.83 -1.15 1.21
N PHE C 262 -11.25 -2.32 0.96
CA PHE C 262 -11.89 -3.59 1.22
C PHE C 262 -10.87 -4.51 1.83
N ASN C 263 -11.35 -5.44 2.66
CA ASN C 263 -10.47 -6.47 3.18
C ASN C 263 -10.00 -7.35 2.04
N SER C 264 -8.69 -7.52 1.91
CA SER C 264 -8.19 -8.47 0.95
C SER C 264 -8.66 -9.86 1.33
N ASN C 265 -8.57 -10.79 0.38
CA ASN C 265 -9.16 -12.12 0.53
C ASN C 265 -10.69 -11.98 0.65
N ASP C 266 -11.26 -11.43 -0.41
CA ASP C 266 -12.70 -11.16 -0.50
C ASP C 266 -13.05 -11.09 -1.98
N THR C 267 -14.34 -10.98 -2.26
CA THR C 267 -14.83 -10.90 -3.62
C THR C 267 -15.87 -9.80 -3.73
N LEU C 268 -15.73 -8.98 -4.77
CA LEU C 268 -16.67 -7.92 -5.09
C LEU C 268 -17.32 -8.20 -6.44
N ASP C 269 -18.55 -7.75 -6.60
CA ASP C 269 -19.34 -8.07 -7.77
C ASP C 269 -19.57 -6.81 -8.60
N ILE C 270 -19.22 -6.90 -9.88
CA ILE C 270 -19.55 -5.85 -10.83
C ILE C 270 -20.87 -6.21 -11.46
N VAL C 271 -21.80 -5.25 -11.42
CA VAL C 271 -23.17 -5.50 -11.83
C VAL C 271 -23.60 -4.43 -12.80
N LEU C 272 -24.80 -4.60 -13.34
CA LEU C 272 -25.42 -3.57 -14.17
C LEU C 272 -26.10 -2.56 -13.27
N THR C 273 -25.51 -1.38 -13.20
CA THR C 273 -25.88 -0.37 -12.22
C THR C 273 -27.33 0.05 -12.42
N GLY C 274 -27.89 0.65 -11.38
CA GLY C 274 -29.14 1.34 -11.49
C GLY C 274 -30.31 0.43 -11.79
N PRO C 275 -31.37 1.01 -12.37
CA PRO C 275 -32.52 0.20 -12.79
C PRO C 275 -32.17 -0.87 -13.83
N ALA C 276 -33.16 -1.68 -14.20
CA ALA C 276 -32.96 -2.68 -15.24
C ALA C 276 -32.63 -1.99 -16.55
N GLN C 277 -31.53 -2.40 -17.17
CA GLN C 277 -31.10 -1.84 -18.45
C GLN C 277 -31.56 -2.73 -19.60
N ASN C 278 -31.70 -2.11 -20.77
CA ASN C 278 -31.77 -2.86 -22.01
C ASN C 278 -30.40 -2.77 -22.67
N VAL C 279 -29.77 -3.93 -22.85
CA VAL C 279 -28.37 -3.99 -23.22
C VAL C 279 -28.33 -4.38 -24.69
N THR C 280 -27.71 -3.53 -25.49
CA THR C 280 -27.48 -3.88 -26.88
C THR C 280 -26.47 -5.02 -26.95
N ALA C 281 -26.72 -5.98 -27.84
CA ALA C 281 -25.80 -7.09 -27.99
C ALA C 281 -24.45 -6.59 -28.46
N ASP C 282 -23.43 -6.78 -27.64
CA ASP C 282 -22.10 -6.25 -27.94
C ASP C 282 -21.13 -6.82 -26.91
N THR C 283 -19.85 -6.46 -27.07
CA THR C 283 -18.81 -6.78 -26.12
C THR C 283 -18.40 -5.49 -25.42
N TYR C 284 -18.49 -5.49 -24.09
CA TYR C 284 -18.24 -4.29 -23.28
C TYR C 284 -17.01 -4.49 -22.40
N PRO C 285 -15.99 -3.63 -22.48
CA PRO C 285 -14.82 -3.80 -21.61
C PRO C 285 -14.94 -3.05 -20.31
N ILE C 286 -14.88 -3.76 -19.19
CA ILE C 286 -14.76 -3.13 -17.88
C ILE C 286 -13.32 -3.26 -17.43
N THR C 287 -12.79 -2.20 -16.81
CA THR C 287 -11.38 -2.14 -16.43
C THR C 287 -11.26 -1.55 -15.03
N LEU C 288 -10.50 -2.22 -14.18
CA LEU C 288 -10.42 -1.88 -12.77
C LEU C 288 -9.00 -1.53 -12.36
N ASP C 289 -8.91 -0.62 -11.40
CA ASP C 289 -7.65 -0.20 -10.79
C ASP C 289 -7.64 -0.72 -9.37
N VAL C 290 -6.68 -1.58 -9.05
CA VAL C 290 -6.62 -2.24 -7.76
C VAL C 290 -5.30 -1.87 -7.10
N VAL C 291 -5.36 -1.37 -5.87
CA VAL C 291 -4.19 -0.96 -5.12
C VAL C 291 -4.32 -1.50 -3.71
N GLY C 292 -3.20 -1.99 -3.16
CA GLY C 292 -3.18 -2.42 -1.78
C GLY C 292 -3.09 -1.24 -0.84
N TYR C 293 -3.75 -1.40 0.32
CA TYR C 293 -3.81 -0.37 1.34
C TYR C 293 -3.42 -1.01 2.66
N GLN C 294 -2.47 -0.39 3.35
CA GLN C 294 -2.08 -0.91 4.66
C GLN C 294 -2.75 -0.04 5.70
N PRO C 295 -3.78 -0.51 6.40
CA PRO C 295 -4.59 0.39 7.22
C PRO C 295 -3.95 0.81 8.52
N ASP C 296 -4.36 2.00 8.96
CA ASP C 296 -3.98 2.61 10.24
C ASP C 296 -4.74 3.92 10.38
N ASN C 297 -5.14 4.27 11.59
CA ASN C 297 -6.00 5.45 11.79
C ASN C 297 -5.25 6.75 11.48
N LYS C 298 -5.36 7.20 10.23
CA LYS C 298 -4.75 8.41 9.66
C LYS C 298 -3.32 8.12 9.23
N GLN C 299 -2.67 7.07 9.73
CA GLN C 299 -1.43 6.58 9.17
C GLN C 299 -1.66 5.63 8.01
N GLY C 300 -2.91 5.45 7.58
CA GLY C 300 -3.16 4.54 6.49
C GLY C 300 -2.59 5.08 5.20
N SER C 301 -1.89 4.23 4.46
CA SER C 301 -1.24 4.61 3.22
C SER C 301 -1.53 3.56 2.16
N PHE C 302 -1.77 4.03 0.94
CA PHE C 302 -1.76 3.13 -0.19
C PHE C 302 -0.32 2.76 -0.52
N LEU C 303 -0.16 1.62 -1.19
CA LEU C 303 1.15 1.09 -1.58
C LEU C 303 1.16 0.96 -3.09
N PRO C 304 1.62 1.98 -3.83
CA PRO C 304 1.53 1.91 -5.29
C PRO C 304 2.39 0.83 -5.91
N ASN C 305 3.37 0.27 -5.19
CA ASN C 305 4.12 -0.85 -5.72
C ASN C 305 3.28 -2.10 -5.89
N SER C 306 2.17 -2.22 -5.15
CA SER C 306 1.31 -3.39 -5.22
C SER C 306 0.24 -3.28 -6.29
N GLU C 307 0.24 -2.20 -7.07
CA GLU C 307 -0.90 -1.87 -7.91
C GLU C 307 -0.98 -2.74 -9.14
N GLN C 308 -2.22 -3.07 -9.53
CA GLN C 308 -2.51 -3.83 -10.73
C GLN C 308 -3.78 -3.29 -11.37
N GLN C 309 -3.76 -3.15 -12.69
CA GLN C 309 -4.95 -2.85 -13.47
C GLN C 309 -5.31 -4.08 -14.29
N LYS C 310 -6.60 -4.43 -14.32
CA LYS C 310 -7.04 -5.58 -15.11
C LYS C 310 -8.27 -5.20 -15.90
N SER C 311 -8.35 -5.77 -17.11
CA SER C 311 -9.40 -5.50 -18.08
C SER C 311 -9.90 -6.80 -18.67
N VAL C 312 -11.23 -6.94 -18.77
CA VAL C 312 -11.84 -8.10 -19.39
C VAL C 312 -13.04 -7.62 -20.23
N ASP C 313 -13.37 -8.42 -21.24
CA ASP C 313 -14.45 -8.12 -22.15
C ASP C 313 -15.73 -8.82 -21.69
N ILE C 314 -16.83 -8.08 -21.65
CA ILE C 314 -18.12 -8.60 -21.22
C ILE C 314 -18.95 -8.86 -22.46
N VAL C 315 -19.37 -10.10 -22.66
CA VAL C 315 -20.08 -10.51 -23.86
C VAL C 315 -21.55 -10.66 -23.54
N PHE C 316 -22.38 -9.84 -24.18
CA PHE C 316 -23.82 -9.98 -24.16
C PHE C 316 -24.25 -10.59 -25.50
N SER C 317 -24.50 -11.89 -25.51
CA SER C 317 -24.88 -12.57 -26.74
C SER C 317 -26.36 -12.40 -27.02
N SER C 318 -26.70 -12.64 -28.27
CA SER C 318 -28.08 -12.49 -28.72
C SER C 318 -28.83 -13.82 -28.62
N PRO C 319 -30.13 -13.79 -28.30
CA PRO C 319 -30.91 -15.04 -28.26
C PRO C 319 -31.40 -15.51 -29.63
N GLN C 320 -30.54 -15.41 -30.65
CA GLN C 320 -30.94 -15.79 -32.01
C GLN C 320 -29.66 -16.10 -32.80
N ASP C 321 -29.41 -17.39 -33.03
CA ASP C 321 -28.13 -17.87 -33.57
C ASP C 321 -28.33 -18.59 -34.90
N LEU C 322 -28.49 -17.82 -35.98
CA LEU C 322 -28.59 -18.38 -37.32
C LEU C 322 -27.24 -18.17 -38.02
N THR C 323 -26.28 -19.01 -37.65
CA THR C 323 -25.01 -19.08 -38.36
C THR C 323 -25.18 -19.81 -39.70
N VAL C 324 -24.42 -19.37 -40.71
CA VAL C 324 -24.59 -19.83 -42.08
C VAL C 324 -23.25 -20.33 -42.62
N SER C 325 -23.32 -21.44 -43.35
CA SER C 325 -22.17 -21.98 -44.07
C SER C 325 -22.56 -22.08 -45.53
N LEU C 326 -21.78 -21.43 -46.39
CA LEU C 326 -21.92 -21.51 -47.84
C LEU C 326 -20.60 -21.96 -48.44
N ILE C 327 -20.65 -22.98 -49.29
CA ILE C 327 -19.43 -23.62 -49.78
C ILE C 327 -19.51 -23.79 -51.29
N PRO C 328 -18.51 -23.33 -52.04
CA PRO C 328 -18.52 -23.49 -53.48
C PRO C 328 -18.12 -24.89 -53.89
N VAL C 329 -18.74 -25.34 -54.99
CA VAL C 329 -18.22 -26.54 -55.66
C VAL C 329 -16.88 -26.19 -56.28
N SER C 330 -15.99 -27.18 -56.32
CA SER C 330 -14.63 -26.99 -56.81
C SER C 330 -14.43 -27.72 -58.13
N GLY C 331 -13.56 -27.16 -58.97
CA GLY C 331 -13.25 -27.76 -60.24
C GLY C 331 -14.17 -27.38 -61.38
N LEU C 332 -14.76 -26.20 -61.34
CA LEU C 332 -15.55 -25.72 -62.47
C LEU C 332 -14.64 -25.22 -63.57
N LYS C 333 -15.06 -25.42 -64.80
CA LYS C 333 -14.28 -25.04 -65.97
C LYS C 333 -15.07 -24.07 -66.84
N ALA C 334 -14.32 -23.12 -67.43
CA ALA C 334 -14.91 -22.09 -68.25
C ALA C 334 -15.54 -22.70 -69.49
N GLY C 335 -16.29 -21.88 -70.21
CA GLY C 335 -16.97 -22.30 -71.40
C GLY C 335 -18.41 -22.64 -71.13
N LYS C 336 -18.97 -23.43 -72.04
CA LYS C 336 -20.38 -23.79 -71.96
C LYS C 336 -20.56 -24.81 -70.84
N ASN C 337 -21.40 -24.48 -69.87
CA ASN C 337 -21.69 -25.34 -68.73
C ASN C 337 -23.13 -25.83 -68.82
N ALA C 338 -23.44 -26.84 -68.01
CA ALA C 338 -24.77 -27.43 -68.06
C ALA C 338 -25.80 -26.44 -67.56
N PRO C 339 -27.02 -26.50 -68.09
CA PRO C 339 -28.09 -25.68 -67.52
C PRO C 339 -28.28 -26.06 -66.06
N SER C 340 -28.33 -25.07 -65.20
CA SER C 340 -28.50 -25.31 -63.77
C SER C 340 -27.35 -26.16 -63.22
N ALA C 341 -26.12 -25.87 -63.62
CA ALA C 341 -24.96 -26.54 -63.06
C ALA C 341 -24.68 -25.95 -61.67
N LYS C 342 -24.50 -26.82 -60.69
CA LYS C 342 -24.42 -26.38 -59.30
C LYS C 342 -23.04 -25.78 -59.03
N ILE C 343 -23.02 -24.55 -58.51
CA ILE C 343 -21.77 -23.86 -58.22
C ILE C 343 -21.52 -23.75 -56.72
N ALA C 344 -22.57 -23.57 -55.91
CA ALA C 344 -22.40 -23.41 -54.46
C ALA C 344 -23.65 -23.89 -53.75
N LYS C 345 -23.48 -24.29 -52.47
CA LYS C 345 -24.58 -24.72 -51.62
C LYS C 345 -24.46 -24.15 -50.20
N LEU C 346 -25.56 -23.64 -49.67
CA LEU C 346 -25.59 -22.98 -48.37
C LEU C 346 -26.43 -23.78 -47.37
N VAL C 347 -25.95 -23.83 -46.13
CA VAL C 347 -26.65 -24.48 -45.02
C VAL C 347 -26.73 -23.50 -43.86
N VAL C 348 -27.95 -23.31 -43.37
CA VAL C 348 -28.29 -22.35 -42.34
C VAL C 348 -28.44 -23.13 -41.04
N ASN C 349 -27.56 -22.88 -40.07
CA ASN C 349 -27.60 -23.61 -38.82
C ASN C 349 -28.33 -22.76 -37.78
N SER C 350 -29.37 -23.34 -37.18
CA SER C 350 -30.23 -22.66 -36.22
C SER C 350 -30.48 -23.53 -35.00
N THR C 351 -30.22 -22.99 -33.80
CA THR C 351 -30.61 -23.65 -32.56
C THR C 351 -31.94 -23.16 -32.01
N THR C 352 -32.43 -22.00 -32.45
CA THR C 352 -33.53 -21.31 -31.76
C THR C 352 -34.74 -21.00 -32.64
N LEU C 353 -34.56 -20.77 -33.94
CA LEU C 353 -35.66 -20.31 -34.79
C LEU C 353 -35.88 -21.30 -35.92
N LYS C 354 -37.11 -21.38 -36.40
CA LYS C 354 -37.57 -22.49 -37.22
C LYS C 354 -37.30 -22.24 -38.70
N GLU C 355 -37.83 -21.15 -39.22
CA GLU C 355 -37.69 -20.76 -40.61
C GLU C 355 -36.74 -19.59 -40.76
N PHE C 356 -35.99 -19.60 -41.87
CA PHE C 356 -35.11 -18.52 -42.27
C PHE C 356 -35.45 -18.07 -43.69
N GLY C 357 -35.18 -16.80 -43.97
CA GLY C 357 -35.34 -16.31 -45.34
C GLY C 357 -33.98 -16.07 -45.98
N VAL C 358 -33.94 -15.93 -47.30
CA VAL C 358 -32.68 -15.81 -48.02
C VAL C 358 -32.90 -15.04 -49.31
N ARG C 359 -31.92 -14.21 -49.64
CA ARG C 359 -31.92 -13.39 -50.83
C ARG C 359 -30.49 -13.20 -51.31
N GLY C 360 -30.34 -13.09 -52.62
CA GLY C 360 -29.06 -12.70 -53.20
C GLY C 360 -28.82 -11.21 -53.10
N ILE C 361 -27.55 -10.84 -52.98
CA ILE C 361 -27.11 -9.46 -52.96
C ILE C 361 -26.34 -9.19 -54.24
N SER C 362 -26.79 -8.18 -55.00
CA SER C 362 -26.15 -7.85 -56.27
C SER C 362 -26.60 -6.47 -56.72
N ASN C 363 -25.89 -5.93 -57.72
CA ASN C 363 -26.31 -4.70 -58.36
C ASN C 363 -27.44 -4.94 -59.36
N ASN C 364 -27.74 -6.20 -59.68
CA ASN C 364 -28.82 -6.53 -60.60
C ASN C 364 -29.43 -7.84 -60.11
N VAL C 365 -30.59 -7.72 -59.47
CA VAL C 365 -31.42 -8.84 -59.05
C VAL C 365 -32.46 -9.06 -60.15
N VAL C 366 -32.83 -10.32 -60.39
CA VAL C 366 -33.58 -10.66 -61.60
C VAL C 366 -35.07 -10.86 -61.34
N ASP C 367 -35.45 -11.31 -60.14
CA ASP C 367 -36.86 -11.49 -59.81
C ASP C 367 -37.21 -10.75 -58.53
N SER C 368 -38.52 -10.65 -58.29
CA SER C 368 -39.06 -9.99 -57.11
C SER C 368 -38.46 -10.57 -55.84
N THR C 369 -38.41 -11.89 -55.74
CA THR C 369 -38.05 -12.55 -54.49
C THR C 369 -36.55 -12.50 -54.18
N GLY C 370 -35.70 -12.08 -55.12
CA GLY C 370 -34.28 -12.10 -54.86
C GLY C 370 -33.62 -13.46 -54.96
N THR C 371 -34.29 -14.42 -55.57
CA THR C 371 -33.79 -15.79 -55.68
C THR C 371 -32.97 -16.02 -56.93
N ALA C 372 -32.86 -15.03 -57.79
CA ALA C 372 -32.00 -15.09 -58.96
C ALA C 372 -31.37 -13.72 -59.16
N TRP C 373 -30.09 -13.72 -59.49
CA TRP C 373 -29.36 -12.46 -59.67
C TRP C 373 -28.12 -12.75 -60.51
N ARG C 374 -27.31 -11.70 -60.68
CA ARG C 374 -26.22 -11.73 -61.63
C ARG C 374 -24.95 -11.21 -60.97
N VAL C 375 -23.83 -11.82 -61.32
CA VAL C 375 -22.56 -11.64 -60.63
C VAL C 375 -21.49 -11.36 -61.68
N ALA C 376 -20.61 -10.43 -61.39
CA ALA C 376 -19.54 -10.06 -62.31
C ALA C 376 -18.22 -10.66 -61.87
N GLY C 377 -17.46 -11.15 -62.83
CA GLY C 377 -16.14 -11.68 -62.52
C GLY C 377 -15.21 -10.59 -62.06
N LYS C 378 -14.31 -10.93 -61.13
CA LYS C 378 -13.44 -9.91 -60.56
C LYS C 378 -12.48 -9.37 -61.61
N ASN C 379 -11.80 -10.27 -62.32
CA ASN C 379 -10.78 -9.86 -63.27
C ASN C 379 -11.39 -9.33 -64.56
N THR C 380 -12.32 -10.08 -65.15
CA THR C 380 -12.85 -9.75 -66.47
C THR C 380 -14.07 -8.83 -66.43
N GLY C 381 -14.90 -8.90 -65.39
CA GLY C 381 -16.12 -8.11 -65.36
C GLY C 381 -17.27 -8.65 -66.18
N LYS C 382 -17.13 -9.86 -66.72
CA LYS C 382 -18.18 -10.59 -67.40
C LYS C 382 -19.10 -11.23 -66.37
N GLU C 383 -20.31 -11.53 -66.80
CA GLU C 383 -21.36 -11.90 -65.87
C GLU C 383 -21.80 -13.33 -66.09
N ILE C 384 -22.38 -13.89 -65.02
CA ILE C 384 -23.03 -15.19 -65.03
C ILE C 384 -24.36 -15.01 -64.29
N GLY C 385 -25.30 -15.88 -64.58
CA GLY C 385 -26.59 -15.87 -63.92
C GLY C 385 -26.63 -16.94 -62.86
N VAL C 386 -26.78 -16.51 -61.60
CA VAL C 386 -26.82 -17.43 -60.48
C VAL C 386 -28.15 -17.25 -59.74
N GLY C 387 -28.53 -18.28 -59.02
CA GLY C 387 -29.78 -18.25 -58.28
C GLY C 387 -30.05 -19.59 -57.66
N LEU C 388 -31.08 -19.62 -56.81
CA LEU C 388 -31.49 -20.86 -56.20
C LEU C 388 -31.94 -21.84 -57.28
N SER C 389 -31.58 -23.11 -57.09
CA SER C 389 -31.95 -24.15 -58.04
C SER C 389 -33.45 -24.40 -57.99
N SER C 390 -34.01 -24.82 -59.12
CA SER C 390 -35.43 -25.11 -59.17
C SER C 390 -35.84 -26.09 -58.07
N ASP C 391 -34.99 -27.08 -57.79
CA ASP C 391 -35.30 -28.03 -56.73
C ASP C 391 -35.47 -27.33 -55.38
N SER C 392 -34.66 -26.30 -55.11
CA SER C 392 -34.68 -25.66 -53.80
C SER C 392 -35.76 -24.60 -53.65
N LEU C 393 -36.17 -23.90 -54.72
CA LEU C 393 -37.24 -22.91 -54.58
C LEU C 393 -38.56 -23.61 -54.30
N ARG C 394 -38.83 -24.67 -55.01
CA ARG C 394 -40.04 -25.43 -54.79
C ARG C 394 -40.04 -26.14 -53.41
N ARG C 395 -39.07 -25.87 -52.54
CA ARG C 395 -39.13 -26.23 -51.12
C ARG C 395 -39.49 -25.06 -50.19
N SER C 396 -39.88 -23.91 -50.72
CA SER C 396 -40.16 -22.75 -49.88
C SER C 396 -41.50 -22.86 -49.16
N ASP C 397 -41.48 -22.49 -47.86
CA ASP C 397 -42.72 -22.48 -47.09
C ASP C 397 -43.64 -21.35 -47.52
N SER C 398 -43.14 -20.12 -47.58
CA SER C 398 -43.99 -18.97 -47.92
C SER C 398 -43.13 -17.85 -48.49
N THR C 399 -43.76 -16.69 -48.68
CA THR C 399 -43.10 -15.47 -49.15
C THR C 399 -43.69 -14.31 -48.37
N GLU C 400 -42.84 -13.58 -47.64
CA GLU C 400 -43.31 -12.54 -46.73
C GLU C 400 -42.58 -11.23 -47.03
N LYS C 401 -43.11 -10.16 -46.45
CA LYS C 401 -42.63 -8.82 -46.71
C LYS C 401 -41.80 -8.37 -45.51
N TRP C 402 -40.54 -8.01 -45.76
CA TRP C 402 -39.67 -7.46 -44.74
C TRP C 402 -38.75 -6.44 -45.41
N ASN C 403 -38.64 -5.25 -44.84
CA ASN C 403 -37.83 -4.18 -45.43
C ASN C 403 -38.35 -3.74 -46.79
N GLY C 404 -39.64 -3.95 -47.05
CA GLY C 404 -40.22 -3.59 -48.33
C GLY C 404 -39.93 -4.57 -49.45
N VAL C 405 -39.10 -5.58 -49.20
CA VAL C 405 -38.76 -6.58 -50.19
C VAL C 405 -39.38 -7.91 -49.76
N ASN C 406 -39.57 -8.79 -50.73
CA ASN C 406 -40.15 -10.10 -50.48
C ASN C 406 -39.05 -11.13 -50.27
N TRP C 407 -39.26 -12.01 -49.30
CA TRP C 407 -38.30 -13.04 -48.94
C TRP C 407 -38.99 -14.38 -48.99
N MET C 408 -38.36 -15.37 -49.61
CA MET C 408 -38.86 -16.73 -49.56
C MET C 408 -38.34 -17.41 -48.31
N THR C 409 -39.26 -17.92 -47.51
CA THR C 409 -38.94 -18.59 -46.26
C THR C 409 -38.50 -20.01 -46.53
N PHE C 410 -37.65 -20.52 -45.66
CA PHE C 410 -37.34 -21.95 -45.67
C PHE C 410 -37.30 -22.43 -44.24
N ASN C 411 -37.10 -23.74 -44.09
CA ASN C 411 -36.88 -24.34 -42.79
C ASN C 411 -35.39 -24.46 -42.55
N SER C 412 -34.98 -24.25 -41.31
CA SER C 412 -33.57 -24.15 -41.03
C SER C 412 -32.91 -25.52 -41.11
N ASN C 413 -31.59 -25.51 -41.27
CA ASN C 413 -30.80 -26.70 -41.47
C ASN C 413 -31.18 -27.49 -42.72
N ASP C 414 -32.14 -27.01 -43.50
CA ASP C 414 -32.30 -27.55 -44.84
C ASP C 414 -31.20 -26.95 -45.71
N THR C 415 -30.77 -27.70 -46.70
CA THR C 415 -29.70 -27.26 -47.58
C THR C 415 -30.30 -26.84 -48.91
N LEU C 416 -29.98 -25.62 -49.33
CA LEU C 416 -30.46 -25.02 -50.55
C LEU C 416 -29.32 -25.00 -51.55
N ASP C 417 -29.66 -24.89 -52.84
CA ASP C 417 -28.69 -24.95 -53.92
C ASP C 417 -28.54 -23.61 -54.64
N ILE C 418 -27.30 -23.17 -54.83
CA ILE C 418 -26.98 -22.07 -55.72
C ILE C 418 -26.55 -22.70 -57.03
N VAL C 419 -27.03 -22.14 -58.13
CA VAL C 419 -26.83 -22.75 -59.44
C VAL C 419 -26.69 -21.66 -60.49
N LEU C 420 -26.20 -22.05 -61.67
CA LEU C 420 -26.23 -21.20 -62.85
C LEU C 420 -27.63 -21.23 -63.45
N THR C 421 -28.32 -20.10 -63.39
CA THR C 421 -29.74 -20.06 -63.73
C THR C 421 -29.98 -20.17 -65.23
N GLY C 422 -31.23 -20.50 -65.56
CA GLY C 422 -31.71 -20.43 -66.91
C GLY C 422 -31.04 -21.40 -67.84
N PRO C 423 -30.93 -21.05 -69.12
CA PRO C 423 -30.35 -21.99 -70.08
C PRO C 423 -28.87 -22.19 -69.79
N ALA C 424 -28.22 -23.08 -70.54
CA ALA C 424 -26.78 -23.25 -70.40
C ALA C 424 -26.08 -21.91 -70.66
N GLN C 425 -24.94 -21.74 -70.00
CA GLN C 425 -24.20 -20.49 -70.01
C GLN C 425 -22.77 -20.75 -70.45
N ASN C 426 -22.20 -19.80 -71.15
CA ASN C 426 -20.80 -19.85 -71.56
C ASN C 426 -20.05 -18.95 -70.59
N VAL C 427 -19.37 -19.58 -69.63
CA VAL C 427 -18.82 -18.86 -68.50
C VAL C 427 -17.37 -18.49 -68.82
N THR C 428 -17.05 -17.22 -68.65
CA THR C 428 -15.67 -16.79 -68.83
C THR C 428 -14.84 -17.26 -67.65
N ALA C 429 -13.62 -17.69 -67.94
CA ALA C 429 -12.73 -18.11 -66.87
C ALA C 429 -12.42 -16.92 -65.97
N ASP C 430 -12.82 -17.01 -64.71
CA ASP C 430 -12.64 -15.91 -63.78
C ASP C 430 -13.07 -16.39 -62.40
N THR C 431 -13.03 -15.48 -61.44
CA THR C 431 -13.50 -15.72 -60.07
C THR C 431 -14.72 -14.84 -59.84
N TYR C 432 -15.83 -15.47 -59.43
CA TYR C 432 -17.12 -14.78 -59.32
C TYR C 432 -17.57 -14.74 -57.87
N PRO C 433 -17.58 -13.57 -57.21
CA PRO C 433 -18.02 -13.50 -55.81
C PRO C 433 -19.54 -13.43 -55.70
N ILE C 434 -20.16 -14.48 -55.18
CA ILE C 434 -21.58 -14.47 -54.88
C ILE C 434 -21.77 -14.09 -53.42
N THR C 435 -22.85 -13.35 -53.14
CA THR C 435 -23.11 -12.85 -51.80
C THR C 435 -24.59 -12.99 -51.50
N LEU C 436 -24.89 -13.63 -50.38
CA LEU C 436 -26.25 -13.85 -49.90
C LEU C 436 -26.50 -13.05 -48.63
N ASP C 437 -27.78 -12.97 -48.28
CA ASP C 437 -28.21 -12.36 -47.03
C ASP C 437 -29.32 -13.22 -46.46
N VAL C 438 -29.10 -13.74 -45.26
CA VAL C 438 -30.07 -14.60 -44.61
C VAL C 438 -30.65 -13.86 -43.43
N VAL C 439 -31.88 -14.20 -43.09
CA VAL C 439 -32.60 -13.56 -41.99
C VAL C 439 -33.30 -14.66 -41.20
N GLY C 440 -33.43 -14.44 -39.90
CA GLY C 440 -34.26 -15.30 -39.09
C GLY C 440 -35.67 -14.77 -39.18
N TYR C 441 -36.60 -15.65 -39.54
CA TYR C 441 -37.93 -15.22 -39.96
C TYR C 441 -38.56 -14.29 -38.92
N GLN C 442 -38.65 -13.01 -39.28
CA GLN C 442 -39.11 -11.93 -38.39
C GLN C 442 -38.03 -11.62 -37.36
N ASN C 453 -31.50 -7.37 -37.24
CA ASN C 453 -32.55 -8.21 -36.69
C ASN C 453 -32.09 -9.66 -36.69
N SER C 454 -30.80 -9.85 -36.42
CA SER C 454 -30.17 -11.18 -36.45
C SER C 454 -30.00 -11.68 -37.89
N GLU C 455 -29.53 -10.80 -38.77
CA GLU C 455 -29.21 -11.13 -40.14
C GLU C 455 -27.70 -11.06 -40.33
N GLN C 456 -27.22 -11.75 -41.36
CA GLN C 456 -25.83 -11.61 -41.76
C GLN C 456 -25.70 -11.91 -43.24
N GLN C 457 -24.61 -11.42 -43.81
CA GLN C 457 -24.27 -11.61 -45.20
C GLN C 457 -22.99 -12.44 -45.25
N LYS C 458 -22.99 -13.49 -46.06
CA LYS C 458 -21.83 -14.35 -46.22
C LYS C 458 -21.51 -14.45 -47.71
N SER C 459 -20.21 -14.59 -48.01
CA SER C 459 -19.73 -14.44 -49.37
C SER C 459 -18.67 -15.47 -49.67
N VAL C 460 -18.85 -16.16 -50.78
CA VAL C 460 -17.85 -17.07 -51.32
C VAL C 460 -17.44 -16.51 -52.67
N ASP C 461 -16.34 -17.02 -53.18
CA ASP C 461 -15.99 -16.83 -54.58
C ASP C 461 -16.15 -18.16 -55.31
N ILE C 462 -16.53 -18.06 -56.58
CA ILE C 462 -16.68 -19.22 -57.45
C ILE C 462 -15.65 -19.05 -58.55
N VAL C 463 -14.80 -20.07 -58.73
CA VAL C 463 -13.71 -19.99 -59.70
C VAL C 463 -14.01 -20.96 -60.83
N PHE C 464 -14.01 -20.42 -62.05
CA PHE C 464 -14.01 -21.21 -63.27
C PHE C 464 -12.64 -21.06 -63.94
N SER C 465 -12.21 -22.11 -64.63
CA SER C 465 -10.84 -22.13 -65.16
C SER C 465 -10.73 -23.00 -66.40
#